data_9GBQ
#
_entry.id   9GBQ
#
_cell.length_a   72.493
_cell.length_b   77.175
_cell.length_c   81.441
_cell.angle_alpha   88.549
_cell.angle_beta   64.518
_cell.angle_gamma   75.143
#
_symmetry.space_group_name_H-M   'P 1'
#
loop_
_entity.id
_entity.type
_entity.pdbx_description
1 polymer 'Angiotensin-converting enzyme, soluble form'
2 branched alpha-L-fucopyranose-(1-6)-2-acetamido-2-deoxy-beta-D-glucopyranose
3 branched beta-D-mannopyranose-(1-4)-2-acetamido-2-deoxy-beta-D-glucopyranose-(1-4)-[alpha-L-fucopyranose-(1-6)]2-acetamido-2-deoxy-beta-D-glucopyranose
4 branched beta-D-mannopyranose-(1-4)-2-acetamido-2-deoxy-beta-D-glucopyranose-(1-4)-2-acetamido-2-deoxy-beta-D-glucopyranose
5 non-polymer 2-acetamido-2-deoxy-beta-D-glucopyranose
6 non-polymer 3,6,9,12,15,18-HEXAOXAICOSANE-1,20-DIOL
7 non-polymer DI(HYDROXYETHYL)ETHER
8 non-polymer 'ZINC ION'
9 non-polymer 'CHLORIDE ION'
10 non-polymer '(2S)-1-[(2S)-2-[[(1S)-1-[(2S)-1-[(2S)-2-azanyl-3-phenyl-propanoyl]pyrrolidin-2-yl]-2-oxidanyl-2-oxidanylidene-ethyl]amino]propanoyl]pyrrolidine-2-carboxylic acid'
11 non-polymer 'TETRAETHYLENE GLYCOL'
12 non-polymer 'MAGNESIUM ION'
13 water water
#
_entity_poly.entity_id   1
_entity_poly.type   'polypeptide(L)'
_entity_poly.pdbx_seq_one_letter_code
;LDPGLQPGQFSADEAGAQLFAQSYQSSAEQVLFQSVAASWAHDTNITAENARRQEEAALLSQEFAEAWGQKAKELYEPIW
QQFTDPQLRRIIGAVRTLGSANLPLAKRQQYNALLSQMSRIYSTAKVCLPQKTATCWSLDPDLTNILASSRSYAMLLFAW
EGWHNAAGIPLKPLYEDFTALSNEAYKQDGFTDTGAYWRSWYNSPTFEDDLEHLYQQLEPLYLNLHAFVRRALHRRYGDR
YINLRGPIPAHLLGDMWAQSWENIYDMVVPFPDKPNLDVTSTMLQQGWQATHMFRVAEEFFTSLELSPMPPEFWEGSMLE
KPADGREVVCHASAWDFYNRKDFRIKQCTRVTMDQLSTVHHEMGHIQYYLQYKDLPVSLRRGANPGFHEAIGDVLALSVS
TPEHLHKIGLLDRVTNDTESDINYLLKMALEKIAFLPFGYLVDQWRWGVFSGRTPPSRYNFDWWYLRTKYQGICPPVTRN
ETHFDAGAKFHVPNVTPYIRYFVSFVLQFQFHEALCKEAGYEGPLHQCDIYRSTKAGAKLRKVLRAGSSRPWQEVLKDMV
GLDALDAQPLLKYFQLVTQWLQEQNQQNGEVLGWPEYQWHPPLPDNYPEGIDLVTDEAEASKFVEEYD
;
_entity_poly.pdbx_strand_id   A,B
#
# COMPACT_ATOMS: atom_id res chain seq x y z
N LEU A 1 17.89 12.80 38.78
CA LEU A 1 17.34 11.51 39.29
C LEU A 1 17.82 11.33 40.72
N ASP A 2 16.91 10.92 41.61
CA ASP A 2 17.20 10.81 43.03
C ASP A 2 18.36 9.84 43.24
N PRO A 3 19.31 10.07 44.18
CA PRO A 3 20.43 9.14 44.36
C PRO A 3 20.00 7.69 44.52
N GLY A 4 18.90 7.47 45.26
CA GLY A 4 18.42 6.13 45.52
C GLY A 4 17.97 5.41 44.25
N LEU A 5 17.78 6.17 43.15
CA LEU A 5 17.18 5.58 41.96
C LEU A 5 18.23 5.32 40.89
N GLN A 6 19.50 5.66 41.14
CA GLN A 6 20.53 5.61 40.11
C GLN A 6 21.22 4.26 40.16
N PRO A 7 21.72 3.69 39.04
CA PRO A 7 22.48 2.43 39.08
C PRO A 7 23.86 2.53 39.71
N GLY A 8 24.24 1.50 40.48
CA GLY A 8 25.59 1.35 40.97
C GLY A 8 26.44 0.57 39.99
N GLN A 9 27.40 -0.20 40.51
CA GLN A 9 28.33 -0.92 39.67
C GLN A 9 27.98 -2.41 39.72
N PHE A 10 28.35 -3.12 38.62
CA PHE A 10 28.17 -4.54 38.34
C PHE A 10 29.24 -5.01 37.37
N SER A 11 29.61 -6.29 37.41
CA SER A 11 30.65 -6.78 36.51
C SER A 11 30.17 -6.95 35.06
N ALA A 12 31.11 -6.80 34.10
CA ALA A 12 30.86 -6.71 32.65
C ALA A 12 30.83 -8.12 32.04
N ASP A 13 29.95 -8.95 32.60
CA ASP A 13 29.84 -10.35 32.21
C ASP A 13 28.47 -10.84 32.66
N GLU A 14 28.16 -12.12 32.38
CA GLU A 14 26.79 -12.61 32.51
C GLU A 14 26.28 -12.56 33.96
N ALA A 15 27.16 -12.88 34.92
CA ALA A 15 26.81 -13.02 36.33
C ALA A 15 26.53 -11.63 36.92
N GLY A 16 27.29 -10.64 36.42
CA GLY A 16 27.08 -9.22 36.70
C GLY A 16 25.75 -8.75 36.09
N ALA A 17 25.54 -9.14 34.83
CA ALA A 17 24.28 -8.81 34.19
C ALA A 17 23.12 -9.30 35.04
N GLN A 18 23.29 -10.46 35.68
CA GLN A 18 22.23 -11.03 36.53
C GLN A 18 21.95 -10.03 37.68
N LEU A 19 23.01 -9.47 38.33
CA LEU A 19 22.90 -8.59 39.50
C LEU A 19 22.37 -7.21 39.09
N PHE A 20 22.90 -6.76 37.94
CA PHE A 20 22.37 -5.60 37.23
C PHE A 20 20.86 -5.70 37.11
N ALA A 21 20.37 -6.88 36.63
CA ALA A 21 18.98 -7.01 36.22
C ALA A 21 18.06 -6.93 37.44
N GLN A 22 18.59 -7.43 38.55
CA GLN A 22 17.85 -7.64 39.79
C GLN A 22 17.70 -6.28 40.47
N SER A 23 18.78 -5.46 40.53
CA SER A 23 18.69 -4.11 41.09
C SER A 23 17.95 -3.17 40.12
N TYR A 24 18.11 -3.39 38.80
CA TYR A 24 17.31 -2.63 37.83
C TYR A 24 15.81 -2.68 38.21
N GLN A 25 15.27 -3.90 38.34
CA GLN A 25 13.84 -4.17 38.61
C GLN A 25 13.43 -3.53 39.94
N SER A 26 14.35 -3.53 40.87
CA SER A 26 13.99 -3.15 42.21
C SER A 26 13.70 -1.63 42.30
N SER A 27 14.37 -0.81 41.48
CA SER A 27 14.24 0.65 41.44
C SER A 27 13.06 1.10 40.56
N ALA A 28 12.95 0.42 39.43
CA ALA A 28 11.98 0.78 38.41
C ALA A 28 10.58 0.85 39.02
N GLU A 29 10.37 0.00 40.02
CA GLU A 29 9.06 -0.15 40.59
C GLU A 29 8.57 1.19 41.15
N GLN A 30 9.45 1.95 41.81
CA GLN A 30 9.05 3.24 42.36
C GLN A 30 8.84 4.30 41.27
N VAL A 31 9.62 4.21 40.17
CA VAL A 31 9.50 5.16 39.09
C VAL A 31 8.18 4.91 38.35
N LEU A 32 7.85 3.64 38.08
CA LEU A 32 6.56 3.27 37.49
C LEU A 32 5.42 3.84 38.34
N PHE A 33 5.50 3.67 39.66
CA PHE A 33 4.43 4.08 40.55
C PHE A 33 4.17 5.58 40.36
N GLN A 34 5.21 6.45 40.45
CA GLN A 34 5.01 7.91 40.47
C GLN A 34 4.40 8.37 39.14
N SER A 35 4.88 7.75 38.08
CA SER A 35 4.42 7.96 36.73
C SER A 35 2.92 7.59 36.57
N VAL A 36 2.55 6.37 36.95
CA VAL A 36 1.15 6.01 36.76
C VAL A 36 0.27 6.82 37.71
N ALA A 37 0.77 7.13 38.93
CA ALA A 37 -0.01 7.98 39.83
C ALA A 37 -0.26 9.38 39.23
N ALA A 38 0.80 10.00 38.66
CA ALA A 38 0.60 11.29 37.98
C ALA A 38 -0.39 11.14 36.82
N SER A 39 -0.30 10.05 36.05
CA SER A 39 -1.28 9.87 34.97
C SER A 39 -2.73 9.77 35.49
N TRP A 40 -2.88 9.01 36.58
CA TRP A 40 -4.21 8.81 37.16
C TRP A 40 -4.78 10.16 37.54
N ALA A 41 -4.00 10.88 38.36
CA ALA A 41 -4.45 12.17 38.86
C ALA A 41 -4.88 13.06 37.69
N HIS A 42 -4.22 12.91 36.53
CA HIS A 42 -4.58 13.78 35.41
C HIS A 42 -5.81 13.23 34.66
N ASP A 43 -5.83 11.95 34.40
CA ASP A 43 -6.89 11.37 33.56
C ASP A 43 -8.25 11.33 34.28
N THR A 44 -8.26 11.34 35.64
CA THR A 44 -9.52 11.49 36.36
C THR A 44 -9.75 12.96 36.76
N ASN A 45 -8.90 13.89 36.29
CA ASN A 45 -9.16 15.28 36.68
C ASN A 45 -8.30 16.19 35.78
N ILE A 46 -8.78 16.46 34.55
CA ILE A 46 -7.94 17.02 33.51
C ILE A 46 -7.78 18.50 33.83
N THR A 47 -6.56 18.93 34.16
CA THR A 47 -6.31 20.34 34.50
C THR A 47 -4.90 20.61 34.02
N ALA A 48 -4.57 21.90 33.86
CA ALA A 48 -3.26 22.29 33.38
C ALA A 48 -2.24 21.89 34.44
N GLU A 49 -2.62 22.07 35.71
CA GLU A 49 -1.74 21.70 36.81
C GLU A 49 -1.50 20.19 36.81
N ASN A 50 -2.53 19.39 36.52
CA ASN A 50 -2.29 17.95 36.52
C ASN A 50 -1.42 17.58 35.30
N ALA A 51 -1.58 18.30 34.20
CA ALA A 51 -0.83 17.89 33.00
C ALA A 51 0.67 18.16 33.25
N ARG A 52 0.93 19.29 33.92
CA ARG A 52 2.30 19.64 34.28
C ARG A 52 2.94 18.58 35.18
N ARG A 53 2.24 18.14 36.24
CA ARG A 53 2.81 17.12 37.11
C ARG A 53 3.05 15.85 36.28
N GLN A 54 2.19 15.57 35.30
CA GLN A 54 2.33 14.34 34.54
C GLN A 54 3.58 14.44 33.66
N GLU A 55 3.81 15.65 33.12
CA GLU A 55 4.93 15.82 32.21
C GLU A 55 6.23 15.69 33.00
N GLU A 56 6.23 16.19 34.26
CA GLU A 56 7.37 16.13 35.15
C GLU A 56 7.62 14.67 35.54
N ALA A 57 6.54 13.90 35.75
CA ALA A 57 6.74 12.48 36.04
C ALA A 57 7.33 11.73 34.86
N ALA A 58 6.96 12.10 33.64
CA ALA A 58 7.42 11.39 32.46
C ALA A 58 8.90 11.73 32.23
N LEU A 59 9.29 12.97 32.55
CA LEU A 59 10.69 13.37 32.45
C LEU A 59 11.51 12.54 33.42
N LEU A 60 10.99 12.38 34.64
CA LEU A 60 11.65 11.54 35.63
C LEU A 60 11.82 10.11 35.09
N SER A 61 10.75 9.49 34.56
CA SER A 61 10.89 8.17 33.94
C SER A 61 11.97 8.10 32.88
N GLN A 62 12.05 9.13 32.02
CA GLN A 62 13.08 9.18 30.99
C GLN A 62 14.47 9.30 31.59
N GLU A 63 14.63 10.06 32.68
CA GLU A 63 15.95 10.15 33.28
C GLU A 63 16.39 8.78 33.85
N PHE A 64 15.47 8.13 34.56
CA PHE A 64 15.65 6.75 34.99
C PHE A 64 16.02 5.81 33.84
N ALA A 65 15.21 5.81 32.78
CA ALA A 65 15.47 4.96 31.63
C ALA A 65 16.80 5.28 30.96
N GLU A 66 17.18 6.55 30.88
CA GLU A 66 18.49 6.84 30.40
C GLU A 66 19.59 6.27 31.33
N ALA A 67 19.48 6.46 32.66
CA ALA A 67 20.67 6.11 33.45
C ALA A 67 20.89 4.57 33.47
N TRP A 68 19.81 3.81 33.49
CA TRP A 68 19.88 2.34 33.50
C TRP A 68 20.21 1.76 32.11
N GLY A 69 19.56 2.31 31.06
CA GLY A 69 19.92 1.99 29.69
C GLY A 69 21.38 2.23 29.31
N GLN A 70 21.94 3.36 29.75
CA GLN A 70 23.31 3.67 29.42
C GLN A 70 24.22 2.70 30.13
N LYS A 71 23.77 2.24 31.29
CA LYS A 71 24.61 1.41 32.15
C LYS A 71 24.70 0.04 31.48
N ALA A 72 23.51 -0.52 31.14
CA ALA A 72 23.37 -1.74 30.35
C ALA A 72 24.15 -1.68 29.03
N LYS A 73 24.24 -0.51 28.39
CA LYS A 73 25.05 -0.39 27.18
C LYS A 73 26.55 -0.37 27.46
N GLU A 74 26.96 0.17 28.62
CA GLU A 74 28.36 0.31 28.97
C GLU A 74 28.97 -1.05 29.26
N LEU A 75 28.19 -1.87 29.91
CA LEU A 75 28.64 -3.14 30.45
C LEU A 75 28.46 -4.29 29.43
N TYR A 76 27.38 -4.26 28.62
CA TYR A 76 26.84 -5.46 27.97
C TYR A 76 26.50 -5.30 26.47
N GLU A 77 26.62 -4.08 25.92
CA GLU A 77 26.23 -3.87 24.53
C GLU A 77 26.86 -4.98 23.68
N PRO A 78 28.18 -5.27 23.78
CA PRO A 78 28.78 -6.27 22.90
C PRO A 78 28.63 -7.76 23.28
N ILE A 79 27.71 -8.10 24.20
CA ILE A 79 27.83 -9.43 24.79
C ILE A 79 26.52 -9.92 25.35
N TRP A 80 25.49 -9.07 25.41
CA TRP A 80 24.23 -9.53 26.00
C TRP A 80 23.50 -10.50 25.06
N GLN A 81 23.77 -10.37 23.74
CA GLN A 81 23.01 -11.14 22.74
C GLN A 81 23.50 -12.60 22.70
N GLN A 82 24.71 -12.89 23.22
CA GLN A 82 25.20 -14.25 23.33
C GLN A 82 25.09 -14.73 24.78
N PHE A 83 24.28 -14.02 25.58
CA PHE A 83 24.09 -14.39 26.98
C PHE A 83 23.33 -15.71 27.03
N THR A 84 23.71 -16.59 27.95
CA THR A 84 23.16 -17.95 27.99
C THR A 84 21.71 -17.95 28.50
N ASP A 85 21.37 -17.00 29.42
CA ASP A 85 20.02 -16.98 29.95
C ASP A 85 19.12 -16.25 28.94
N PRO A 86 18.17 -16.95 28.24
CA PRO A 86 17.17 -16.26 27.43
C PRO A 86 16.38 -15.13 28.12
N GLN A 87 15.88 -15.35 29.38
CA GLN A 87 15.03 -14.39 30.08
C GLN A 87 15.80 -13.04 30.30
N LEU A 88 17.02 -13.18 30.81
CA LEU A 88 17.98 -12.13 31.00
C LEU A 88 18.21 -11.48 29.66
N ARG A 89 18.12 -12.26 28.58
CA ARG A 89 18.37 -11.64 27.27
C ARG A 89 17.45 -10.42 27.08
N ARG A 90 16.40 -10.31 27.94
CA ARG A 90 15.18 -9.63 27.56
C ARG A 90 14.64 -8.81 28.74
N ILE A 91 14.64 -9.34 29.99
CA ILE A 91 14.46 -8.44 31.13
C ILE A 91 15.45 -7.29 30.91
N ILE A 92 16.69 -7.71 30.64
CA ILE A 92 17.75 -6.86 30.15
C ILE A 92 17.40 -6.17 28.86
N GLY A 93 17.61 -6.80 27.69
CA GLY A 93 17.77 -6.22 26.33
C GLY A 93 16.72 -5.18 25.90
N ALA A 94 15.59 -5.15 26.62
CA ALA A 94 14.70 -4.03 26.85
C ALA A 94 15.46 -2.79 27.36
N VAL A 95 16.31 -2.97 28.40
CA VAL A 95 16.98 -1.87 29.08
C VAL A 95 17.92 -1.22 28.08
N ARG A 96 18.51 -1.99 27.15
CA ARG A 96 19.38 -1.34 26.17
C ARG A 96 18.58 -0.43 25.20
N THR A 97 17.25 -0.37 25.41
CA THR A 97 16.26 0.20 24.48
C THR A 97 15.64 1.45 25.11
N LEU A 98 16.19 2.61 24.77
CA LEU A 98 15.93 3.78 25.60
C LEU A 98 14.61 4.48 25.27
N GLY A 99 14.10 4.26 24.04
CA GLY A 99 12.89 4.90 23.56
C GLY A 99 13.05 6.43 23.56
N SER A 100 12.04 7.14 24.10
CA SER A 100 12.09 8.59 24.20
C SER A 100 13.25 9.07 25.07
N ALA A 101 13.80 8.20 25.93
CA ALA A 101 14.98 8.60 26.70
C ALA A 101 16.17 8.79 25.78
N ASN A 102 16.06 8.38 24.51
CA ASN A 102 17.19 8.68 23.64
C ASN A 102 17.17 10.13 23.21
N LEU A 103 16.04 10.82 23.39
CA LEU A 103 15.98 12.21 22.90
C LEU A 103 16.77 13.12 23.84
N PRO A 104 17.40 14.20 23.34
CA PRO A 104 17.92 15.22 24.26
C PRO A 104 16.74 15.84 25.03
N LEU A 105 17.06 16.44 26.17
CA LEU A 105 16.12 17.05 27.09
C LEU A 105 15.03 17.87 26.37
N ALA A 106 15.43 18.88 25.53
CA ALA A 106 14.49 19.74 24.84
C ALA A 106 13.46 18.93 24.03
N LYS A 107 13.92 17.84 23.40
CA LYS A 107 13.00 17.05 22.62
C LYS A 107 12.16 16.16 23.50
N ARG A 108 12.72 15.72 24.64
CA ARG A 108 11.96 14.92 25.59
C ARG A 108 10.80 15.76 26.12
N GLN A 109 11.10 17.02 26.49
CA GLN A 109 10.04 17.92 26.92
C GLN A 109 9.00 18.10 25.81
N GLN A 110 9.42 18.32 24.55
CA GLN A 110 8.48 18.51 23.45
C GLN A 110 7.64 17.23 23.25
N TYR A 111 8.27 16.05 23.34
CA TYR A 111 7.52 14.81 23.16
C TYR A 111 6.44 14.65 24.23
N ASN A 112 6.85 14.85 25.47
CA ASN A 112 5.97 14.67 26.61
C ASN A 112 4.84 15.69 26.53
N ALA A 113 5.14 16.94 26.16
CA ALA A 113 4.08 17.94 25.97
C ALA A 113 3.13 17.57 24.84
N LEU A 114 3.63 16.96 23.76
CA LEU A 114 2.76 16.54 22.67
C LEU A 114 1.78 15.50 23.18
N LEU A 115 2.27 14.50 23.93
CA LEU A 115 1.39 13.42 24.32
C LEU A 115 0.23 13.99 25.14
N SER A 116 0.58 14.91 26.02
CA SER A 116 -0.33 15.48 26.99
C SER A 116 -1.36 16.35 26.25
N GLN A 117 -0.93 17.16 25.26
CA GLN A 117 -1.82 18.03 24.54
C GLN A 117 -2.69 17.21 23.57
N MET A 118 -2.13 16.13 23.00
CA MET A 118 -2.97 15.26 22.16
C MET A 118 -4.04 14.55 23.01
N SER A 119 -3.67 14.13 24.23
CA SER A 119 -4.62 13.43 25.09
C SER A 119 -5.73 14.42 25.49
N ARG A 120 -5.33 15.61 25.86
CA ARG A 120 -6.26 16.65 26.29
C ARG A 120 -7.21 17.01 25.16
N ILE A 121 -6.68 17.18 23.94
CA ILE A 121 -7.57 17.55 22.85
C ILE A 121 -8.65 16.48 22.64
N TYR A 122 -8.24 15.23 22.54
CA TYR A 122 -9.13 14.12 22.25
C TYR A 122 -10.16 14.09 23.37
N SER A 123 -9.71 14.19 24.63
CA SER A 123 -10.64 13.92 25.73
C SER A 123 -11.51 15.12 26.10
N THR A 124 -11.22 16.29 25.54
CA THR A 124 -12.04 17.43 25.90
C THR A 124 -12.78 17.97 24.68
N ALA A 125 -12.61 17.36 23.51
CA ALA A 125 -13.33 17.83 22.32
C ALA A 125 -14.85 17.77 22.56
N LYS A 126 -15.59 18.72 21.98
CA LYS A 126 -17.04 18.77 22.13
C LYS A 126 -17.62 19.11 20.76
N VAL A 127 -18.87 18.70 20.53
CA VAL A 127 -19.60 19.11 19.35
C VAL A 127 -20.66 20.11 19.80
N CYS A 128 -20.66 21.28 19.19
CA CYS A 128 -21.56 22.35 19.61
C CYS A 128 -22.70 22.45 18.60
N LEU A 129 -23.89 22.89 19.06
CA LEU A 129 -25.10 22.92 18.24
C LEU A 129 -25.32 24.34 17.71
N ALA A 134 -25.61 27.89 22.38
CA ALA A 134 -24.71 26.78 21.98
C ALA A 134 -24.35 25.93 23.21
N THR A 135 -25.10 24.83 23.41
CA THR A 135 -24.75 23.76 24.34
C THR A 135 -24.01 22.65 23.58
N CYS A 136 -23.25 21.82 24.33
CA CYS A 136 -22.16 21.05 23.73
C CYS A 136 -22.23 19.58 24.11
N TRP A 137 -22.10 18.71 23.11
CA TRP A 137 -22.13 17.27 23.33
C TRP A 137 -20.71 16.69 23.47
N SER A 138 -20.50 15.83 24.46
CA SER A 138 -19.24 15.12 24.62
C SER A 138 -19.33 13.79 23.89
N LEU A 139 -18.17 13.17 23.66
CA LEU A 139 -18.15 11.90 22.99
C LEU A 139 -18.93 10.91 23.87
N ASP A 140 -18.57 10.92 25.15
CA ASP A 140 -19.11 9.96 26.11
C ASP A 140 -19.76 10.75 27.26
N PRO A 141 -21.09 10.69 27.48
CA PRO A 141 -22.00 9.81 26.73
C PRO A 141 -22.76 10.25 25.47
N ASP A 142 -22.79 11.56 25.22
CA ASP A 142 -23.71 12.17 24.27
C ASP A 142 -23.59 11.62 22.86
N LEU A 143 -22.41 11.79 22.20
CA LEU A 143 -22.33 11.35 20.81
C LEU A 143 -22.41 9.82 20.72
N THR A 144 -21.85 9.12 21.71
CA THR A 144 -21.96 7.66 21.75
C THR A 144 -23.43 7.21 21.63
N ASN A 145 -24.30 7.87 22.42
CA ASN A 145 -25.70 7.50 22.52
C ASN A 145 -26.40 7.81 21.21
N ILE A 146 -26.02 8.93 20.57
CA ILE A 146 -26.54 9.26 19.25
C ILE A 146 -26.16 8.19 18.24
N LEU A 147 -24.84 7.87 18.09
CA LEU A 147 -24.43 6.86 17.12
C LEU A 147 -25.14 5.53 17.42
N ALA A 148 -25.31 5.17 18.72
CA ALA A 148 -25.97 3.93 19.14
C ALA A 148 -27.49 3.86 18.85
N SER A 149 -28.26 4.93 19.06
CA SER A 149 -29.71 4.71 19.13
C SER A 149 -30.48 5.70 18.28
N SER A 150 -29.79 6.56 17.55
CA SER A 150 -30.53 7.40 16.62
C SER A 150 -30.57 6.64 15.31
N ARG A 151 -31.63 6.90 14.53
CA ARG A 151 -31.86 6.23 13.26
C ARG A 151 -32.15 7.30 12.22
N SER A 152 -31.86 8.50 12.66
CA SER A 152 -32.08 9.62 11.78
C SER A 152 -30.75 9.86 11.05
N TYR A 153 -30.78 9.66 9.73
CA TYR A 153 -29.61 9.87 8.91
C TYR A 153 -28.95 11.22 9.23
N ALA A 154 -29.73 12.31 9.35
CA ALA A 154 -29.14 13.65 9.42
C ALA A 154 -28.50 13.88 10.78
N MET A 155 -29.12 13.34 11.84
CA MET A 155 -28.62 13.45 13.19
C MET A 155 -27.32 12.67 13.37
N LEU A 156 -27.30 11.45 12.82
CA LEU A 156 -26.12 10.58 12.88
C LEU A 156 -24.99 11.27 12.13
N LEU A 157 -25.34 11.95 11.02
CA LEU A 157 -24.36 12.65 10.22
C LEU A 157 -23.75 13.81 11.01
N PHE A 158 -24.63 14.58 11.65
CA PHE A 158 -24.25 15.69 12.50
C PHE A 158 -23.26 15.24 13.56
N ALA A 159 -23.59 14.14 14.27
CA ALA A 159 -22.72 13.66 15.32
C ALA A 159 -21.38 13.14 14.75
N TRP A 160 -21.44 12.44 13.61
CA TRP A 160 -20.26 11.77 13.04
C TRP A 160 -19.27 12.86 12.58
N GLU A 161 -19.79 13.77 11.75
CA GLU A 161 -19.06 14.88 11.18
C GLU A 161 -18.51 15.79 12.28
N GLY A 162 -19.39 16.18 13.23
CA GLY A 162 -19.02 17.02 14.37
C GLY A 162 -17.82 16.42 15.13
N TRP A 163 -17.92 15.14 15.51
CA TRP A 163 -16.84 14.51 16.24
C TRP A 163 -15.55 14.49 15.41
N HIS A 164 -15.65 14.01 14.17
CA HIS A 164 -14.43 13.83 13.37
C HIS A 164 -13.71 15.17 13.19
N ASN A 165 -14.50 16.22 12.96
CA ASN A 165 -13.95 17.56 12.79
C ASN A 165 -13.35 18.10 14.10
N ALA A 166 -14.10 17.98 15.21
CA ALA A 166 -13.69 18.54 16.48
C ALA A 166 -12.41 17.87 16.99
N ALA A 167 -12.32 16.52 16.94
CA ALA A 167 -11.17 15.83 17.51
C ALA A 167 -10.02 15.84 16.50
N GLY A 168 -10.34 15.61 15.22
CA GLY A 168 -9.28 15.26 14.26
C GLY A 168 -8.53 16.50 13.81
N ILE A 169 -9.25 17.57 13.47
CA ILE A 169 -8.58 18.68 12.80
C ILE A 169 -7.45 19.26 13.66
N PRO A 170 -7.69 19.64 14.93
CA PRO A 170 -6.60 20.23 15.73
C PRO A 170 -5.46 19.28 16.13
N LEU A 171 -5.69 17.97 16.00
CA LEU A 171 -4.67 17.00 16.34
C LEU A 171 -3.59 16.90 15.27
N LYS A 172 -3.92 17.20 14.01
CA LYS A 172 -3.04 16.86 12.90
C LYS A 172 -1.63 17.43 13.09
N PRO A 173 -1.44 18.74 13.35
CA PRO A 173 -0.07 19.27 13.44
C PRO A 173 0.72 18.60 14.55
N LEU A 174 0.05 18.26 15.65
CA LEU A 174 0.70 17.69 16.82
C LEU A 174 1.17 16.28 16.44
N TYR A 175 0.31 15.57 15.67
CA TYR A 175 0.53 14.18 15.38
C TYR A 175 1.76 14.05 14.47
N GLU A 176 1.88 14.94 13.50
CA GLU A 176 3.09 15.00 12.68
C GLU A 176 4.34 15.20 13.51
N ASP A 177 4.30 16.11 14.51
CA ASP A 177 5.49 16.39 15.30
C ASP A 177 5.83 15.18 16.18
N PHE A 178 4.78 14.57 16.75
CA PHE A 178 4.90 13.36 17.57
C PHE A 178 5.63 12.28 16.78
N THR A 179 5.15 12.05 15.55
CA THR A 179 5.63 10.98 14.68
C THR A 179 7.12 11.16 14.43
N ALA A 180 7.54 12.40 14.17
CA ALA A 180 8.93 12.64 13.85
C ALA A 180 9.81 12.37 15.08
N LEU A 181 9.35 12.82 16.26
CA LEU A 181 10.13 12.67 17.49
C LEU A 181 10.16 11.19 17.92
N SER A 182 9.04 10.50 17.78
CA SER A 182 8.96 9.07 18.11
C SER A 182 10.01 8.30 17.30
N ASN A 183 10.04 8.57 15.98
CA ASN A 183 10.94 7.89 15.06
C ASN A 183 12.37 8.22 15.44
N GLU A 184 12.62 9.49 15.76
CA GLU A 184 14.00 9.85 16.05
C GLU A 184 14.49 9.06 17.27
N ALA A 185 13.63 8.90 18.25
CA ALA A 185 13.92 8.21 19.49
C ALA A 185 14.23 6.71 19.26
N TYR A 186 13.33 6.02 18.56
CA TYR A 186 13.41 4.57 18.36
C TYR A 186 14.52 4.22 17.39
N LYS A 187 14.84 5.14 16.49
CA LYS A 187 15.87 4.91 15.52
C LYS A 187 17.23 4.85 16.21
N GLN A 188 17.38 5.52 17.36
CA GLN A 188 18.66 5.44 18.04
C GLN A 188 18.74 4.11 18.79
N ASP A 189 17.63 3.41 18.96
CA ASP A 189 17.70 2.05 19.47
C ASP A 189 17.86 0.99 18.38
N GLY A 190 18.09 1.39 17.12
CA GLY A 190 18.40 0.47 16.03
C GLY A 190 17.17 0.00 15.24
N PHE A 191 15.97 0.54 15.51
CA PHE A 191 14.77 0.21 14.74
C PHE A 191 14.67 1.15 13.54
N THR A 192 14.12 0.64 12.44
CA THR A 192 13.94 1.49 11.27
C THR A 192 12.93 2.63 11.53
N ASP A 193 11.94 2.39 12.40
CA ASP A 193 10.93 3.36 12.77
C ASP A 193 10.16 2.79 13.95
N THR A 194 9.30 3.62 14.55
CA THR A 194 8.60 3.20 15.76
C THR A 194 7.73 1.99 15.47
N GLY A 195 7.11 1.90 14.29
CA GLY A 195 6.21 0.77 14.03
C GLY A 195 7.03 -0.54 14.00
N ALA A 196 8.29 -0.49 13.55
CA ALA A 196 9.11 -1.71 13.63
C ALA A 196 9.31 -2.09 15.11
N TYR A 197 9.55 -1.08 15.97
CA TYR A 197 9.63 -1.33 17.40
C TYR A 197 8.33 -1.94 17.91
N TRP A 198 7.19 -1.37 17.55
CA TRP A 198 5.95 -1.96 18.05
C TRP A 198 5.75 -3.39 17.60
N ARG A 199 6.06 -3.67 16.33
CA ARG A 199 5.89 -5.03 15.80
C ARG A 199 6.83 -6.04 16.48
N SER A 200 7.98 -5.61 17.01
CA SER A 200 8.97 -6.54 17.54
C SER A 200 8.46 -7.21 18.82
N TRP A 201 7.43 -6.67 19.46
CA TRP A 201 6.87 -7.28 20.66
C TRP A 201 6.30 -8.67 20.37
N TYR A 202 6.03 -9.00 19.10
CA TYR A 202 5.41 -10.27 18.78
C TYR A 202 6.45 -11.35 18.56
N ASN A 203 7.72 -10.90 18.46
CA ASN A 203 8.86 -11.78 18.29
C ASN A 203 8.54 -12.84 17.23
N SER A 204 8.19 -12.35 16.04
CA SER A 204 7.73 -13.22 14.98
C SER A 204 8.25 -12.63 13.68
N PRO A 205 9.28 -13.21 13.03
CA PRO A 205 9.85 -12.56 11.86
C PRO A 205 8.86 -12.53 10.71
N THR A 206 7.79 -13.37 10.72
CA THR A 206 6.81 -13.25 9.66
C THR A 206 5.47 -12.65 10.14
N PHE A 207 5.50 -11.75 11.13
CA PHE A 207 4.28 -11.24 11.75
C PHE A 207 3.31 -10.75 10.69
N GLU A 208 3.77 -9.83 9.82
CA GLU A 208 2.89 -9.17 8.87
C GLU A 208 2.23 -10.16 7.90
N ASP A 209 3.03 -11.09 7.39
CA ASP A 209 2.56 -12.20 6.56
C ASP A 209 1.55 -13.10 7.27
N ASP A 210 1.86 -13.49 8.51
CA ASP A 210 0.95 -14.26 9.35
C ASP A 210 -0.38 -13.53 9.53
N LEU A 211 -0.36 -12.20 9.74
CA LEU A 211 -1.59 -11.45 9.94
C LEU A 211 -2.40 -11.51 8.65
N GLU A 212 -1.70 -11.32 7.50
CA GLU A 212 -2.37 -11.20 6.22
C GLU A 212 -3.04 -12.54 5.87
N HIS A 213 -2.36 -13.66 6.19
CA HIS A 213 -2.88 -15.00 5.98
C HIS A 213 -4.11 -15.22 6.86
N LEU A 214 -4.07 -14.77 8.13
CA LEU A 214 -5.23 -14.80 9.02
C LEU A 214 -6.38 -14.07 8.36
N TYR A 215 -6.12 -12.82 7.97
CA TYR A 215 -7.18 -11.96 7.46
C TYR A 215 -7.83 -12.63 6.24
N GLN A 216 -7.01 -13.27 5.37
CA GLN A 216 -7.61 -13.90 4.20
C GLN A 216 -8.65 -14.98 4.54
N GLN A 217 -8.48 -15.71 5.63
CA GLN A 217 -9.43 -16.75 6.02
C GLN A 217 -10.69 -16.15 6.64
N LEU A 218 -10.59 -14.92 7.13
CA LEU A 218 -11.68 -14.30 7.89
C LEU A 218 -12.48 -13.37 6.99
N GLU A 219 -11.83 -12.90 5.91
CA GLU A 219 -12.47 -11.89 5.07
C GLU A 219 -13.82 -12.36 4.51
N PRO A 220 -13.99 -13.59 4.03
CA PRO A 220 -15.30 -13.99 3.49
C PRO A 220 -16.46 -13.82 4.48
N LEU A 221 -16.18 -14.11 5.77
CA LEU A 221 -17.21 -14.01 6.80
C LEU A 221 -17.62 -12.54 6.88
N TYR A 222 -16.58 -11.66 6.84
CA TYR A 222 -16.86 -10.25 6.93
C TYR A 222 -17.67 -9.83 5.71
N LEU A 223 -17.26 -10.28 4.52
CA LEU A 223 -17.93 -9.82 3.31
C LEU A 223 -19.42 -10.21 3.37
N ASN A 224 -19.71 -11.41 3.85
CA ASN A 224 -21.11 -11.84 3.94
C ASN A 224 -21.88 -11.08 5.00
N LEU A 225 -21.24 -10.81 6.16
CA LEU A 225 -21.95 -10.07 7.18
C LEU A 225 -22.30 -8.66 6.64
N HIS A 226 -21.31 -8.04 5.95
CA HIS A 226 -21.41 -6.69 5.38
C HIS A 226 -22.55 -6.63 4.38
N ALA A 227 -22.66 -7.61 3.47
CA ALA A 227 -23.69 -7.52 2.44
C ALA A 227 -25.10 -7.62 3.08
N PHE A 228 -25.20 -8.43 4.12
CA PHE A 228 -26.51 -8.69 4.73
C PHE A 228 -26.95 -7.46 5.53
N VAL A 229 -26.02 -6.88 6.31
CA VAL A 229 -26.28 -5.66 7.02
C VAL A 229 -26.60 -4.52 6.06
N ARG A 230 -25.84 -4.41 4.97
CA ARG A 230 -26.07 -3.38 3.99
C ARG A 230 -27.50 -3.49 3.45
N ARG A 231 -27.95 -4.71 3.14
CA ARG A 231 -29.33 -4.87 2.68
C ARG A 231 -30.33 -4.44 3.79
N ALA A 232 -30.04 -4.77 5.05
CA ALA A 232 -30.96 -4.39 6.14
C ALA A 232 -31.03 -2.85 6.26
N LEU A 233 -29.88 -2.15 6.13
CA LEU A 233 -29.84 -0.68 6.07
C LEU A 233 -30.59 -0.13 4.88
N HIS A 234 -30.42 -0.76 3.72
CA HIS A 234 -31.09 -0.30 2.51
C HIS A 234 -32.62 -0.31 2.75
N ARG A 235 -33.11 -1.37 3.39
CA ARG A 235 -34.56 -1.41 3.63
C ARG A 235 -35.03 -0.23 4.50
N ARG A 236 -34.17 0.31 5.38
CA ARG A 236 -34.56 1.37 6.31
C ARG A 236 -34.27 2.77 5.76
N TYR A 237 -33.09 2.95 5.15
CA TYR A 237 -32.68 4.28 4.75
C TYR A 237 -32.93 4.55 3.28
N GLY A 238 -33.17 3.51 2.46
CA GLY A 238 -33.58 3.69 1.09
C GLY A 238 -32.40 3.80 0.12
N ASP A 239 -32.77 3.90 -1.15
CA ASP A 239 -31.88 3.74 -2.29
C ASP A 239 -30.99 4.99 -2.46
N ARG A 240 -31.38 6.10 -1.84
CA ARG A 240 -30.61 7.32 -1.99
C ARG A 240 -29.38 7.26 -1.09
N TYR A 241 -29.56 6.73 0.12
CA TYR A 241 -28.49 6.78 1.10
C TYR A 241 -27.71 5.47 1.19
N ILE A 242 -28.25 4.38 0.63
CA ILE A 242 -27.56 3.09 0.65
C ILE A 242 -27.44 2.59 -0.80
N ASN A 243 -26.21 2.25 -1.19
CA ASN A 243 -25.92 1.62 -2.47
C ASN A 243 -25.63 0.14 -2.20
N LEU A 244 -26.50 -0.75 -2.69
CA LEU A 244 -26.33 -2.19 -2.50
C LEU A 244 -25.06 -2.68 -3.17
N ARG A 245 -24.37 -1.87 -3.96
CA ARG A 245 -23.13 -2.34 -4.59
C ARG A 245 -21.92 -1.51 -4.19
N GLY A 246 -22.10 -0.67 -3.16
CA GLY A 246 -21.09 0.29 -2.73
C GLY A 246 -20.79 0.18 -1.24
N PRO A 247 -19.84 0.98 -0.74
CA PRO A 247 -19.49 0.96 0.69
C PRO A 247 -20.65 1.52 1.48
N ILE A 248 -20.72 1.09 2.74
CA ILE A 248 -21.77 1.58 3.61
C ILE A 248 -21.32 2.93 4.16
N PRO A 249 -22.21 3.97 4.23
CA PRO A 249 -21.85 5.22 4.91
C PRO A 249 -21.44 4.98 6.37
N ALA A 250 -20.32 5.62 6.80
CA ALA A 250 -19.60 5.17 7.98
C ALA A 250 -20.35 5.48 9.28
N HIS A 251 -21.42 6.27 9.20
CA HIS A 251 -22.10 6.67 10.42
C HIS A 251 -23.36 5.83 10.71
N LEU A 252 -23.68 4.82 9.89
CA LEU A 252 -24.98 4.16 10.06
C LEU A 252 -24.86 2.82 10.79
N LEU A 253 -23.70 2.49 11.37
CA LEU A 253 -23.44 1.17 11.90
C LEU A 253 -23.45 1.09 13.44
N GLY A 254 -23.92 2.15 14.10
CA GLY A 254 -24.20 2.04 15.53
C GLY A 254 -23.03 2.51 16.40
N ASP A 255 -21.89 2.91 15.78
CA ASP A 255 -20.68 3.20 16.52
C ASP A 255 -19.88 4.28 15.77
N MET A 256 -19.19 5.18 16.49
CA MET A 256 -18.55 6.34 15.87
C MET A 256 -17.49 5.86 14.85
N TRP A 257 -16.90 4.68 15.07
CA TRP A 257 -15.81 4.16 14.23
C TRP A 257 -16.31 3.03 13.31
N ALA A 258 -17.63 2.75 13.31
CA ALA A 258 -18.15 1.60 12.57
C ALA A 258 -17.37 0.34 12.96
N GLN A 259 -16.85 0.29 14.20
CA GLN A 259 -15.97 -0.82 14.55
C GLN A 259 -16.71 -1.99 15.20
N SER A 260 -17.85 -1.72 15.80
CA SER A 260 -18.68 -2.79 16.37
C SER A 260 -20.08 -2.50 15.88
N TRP A 261 -20.80 -3.52 15.38
CA TRP A 261 -22.09 -3.14 14.85
C TRP A 261 -23.23 -3.62 15.77
N GLU A 262 -22.90 -4.04 16.97
CA GLU A 262 -23.98 -4.62 17.80
C GLU A 262 -25.19 -3.70 17.99
N ASN A 263 -25.01 -2.37 17.95
CA ASN A 263 -26.12 -1.44 18.14
C ASN A 263 -27.14 -1.45 17.02
N ILE A 264 -26.85 -2.06 15.89
CA ILE A 264 -27.90 -2.08 14.89
C ILE A 264 -28.52 -3.49 14.87
N TYR A 265 -28.22 -4.28 15.90
CA TYR A 265 -28.85 -5.61 16.07
C TYR A 265 -30.37 -5.58 15.79
N ASP A 266 -31.12 -4.61 16.35
CA ASP A 266 -32.57 -4.69 16.16
C ASP A 266 -32.96 -4.61 14.67
N MET A 267 -32.09 -4.06 13.79
CA MET A 267 -32.46 -3.91 12.38
C MET A 267 -32.10 -5.15 11.58
N VAL A 268 -31.15 -5.97 12.07
CA VAL A 268 -30.72 -7.10 11.25
C VAL A 268 -31.18 -8.44 11.85
N VAL A 269 -31.75 -8.47 13.06
CA VAL A 269 -32.09 -9.72 13.75
C VAL A 269 -32.97 -10.59 12.85
N PRO A 270 -32.49 -11.77 12.41
CA PRO A 270 -33.36 -12.61 11.56
C PRO A 270 -34.64 -13.15 12.18
N PHE A 271 -34.61 -13.59 13.45
CA PHE A 271 -35.81 -14.21 14.02
C PHE A 271 -36.28 -13.42 15.24
N PRO A 272 -36.90 -12.24 14.98
CA PRO A 272 -37.47 -11.42 16.07
C PRO A 272 -38.50 -12.00 17.05
N ASP A 273 -39.14 -13.12 16.71
CA ASP A 273 -40.06 -13.81 17.63
C ASP A 273 -39.38 -14.54 18.77
N LYS A 274 -38.06 -14.73 18.66
CA LYS A 274 -37.29 -15.43 19.68
C LYS A 274 -36.92 -14.43 20.77
N PRO A 275 -36.30 -14.87 21.88
CA PRO A 275 -36.02 -13.99 23.02
C PRO A 275 -35.07 -12.89 22.56
N ASN A 276 -35.29 -11.68 23.06
CA ASN A 276 -34.54 -10.55 22.58
C ASN A 276 -33.16 -10.62 23.24
N LEU A 277 -32.08 -10.79 22.47
CA LEU A 277 -30.79 -11.06 23.09
C LEU A 277 -30.08 -9.77 23.50
N ASP A 278 -30.63 -8.61 23.14
CA ASP A 278 -30.01 -7.41 23.65
C ASP A 278 -30.74 -7.05 24.95
N VAL A 279 -30.06 -7.23 26.09
CA VAL A 279 -30.71 -7.19 27.39
C VAL A 279 -30.58 -5.79 27.99
N THR A 280 -30.02 -4.81 27.23
CA THR A 280 -29.98 -3.43 27.71
C THR A 280 -31.32 -3.01 28.34
N SER A 281 -32.44 -3.19 27.62
CA SER A 281 -33.69 -2.67 28.18
C SER A 281 -34.04 -3.38 29.49
N THR A 282 -33.55 -4.63 29.69
CA THR A 282 -33.92 -5.34 30.92
C THR A 282 -33.04 -4.82 32.05
N MET A 283 -31.77 -4.52 31.70
CA MET A 283 -30.86 -3.96 32.69
C MET A 283 -31.41 -2.63 33.26
N LEU A 284 -31.92 -1.78 32.36
CA LEU A 284 -32.57 -0.52 32.77
C LEU A 284 -33.84 -0.80 33.54
N GLN A 285 -34.72 -1.61 32.96
CA GLN A 285 -35.93 -2.03 33.69
C GLN A 285 -35.62 -2.43 35.13
N GLN A 286 -34.51 -3.15 35.40
CA GLN A 286 -34.20 -3.70 36.72
C GLN A 286 -33.39 -2.74 37.62
N GLY A 287 -32.92 -1.63 37.08
CA GLY A 287 -32.21 -0.73 37.99
C GLY A 287 -30.72 -1.06 38.12
N TRP A 288 -30.11 -1.69 37.09
CA TRP A 288 -28.67 -1.91 37.15
C TRP A 288 -27.94 -0.57 37.16
N GLN A 289 -26.88 -0.48 37.97
CA GLN A 289 -25.97 0.64 38.00
C GLN A 289 -24.56 0.13 37.71
N ALA A 290 -23.63 1.07 37.55
CA ALA A 290 -22.24 0.74 37.22
C ALA A 290 -21.73 -0.26 38.24
N THR A 291 -21.95 0.02 39.52
CA THR A 291 -21.33 -0.80 40.54
C THR A 291 -21.84 -2.26 40.49
N HIS A 292 -23.06 -2.48 39.97
CA HIS A 292 -23.59 -3.83 39.88
C HIS A 292 -22.88 -4.57 38.77
N MET A 293 -22.65 -3.84 37.69
CA MET A 293 -22.02 -4.40 36.53
C MET A 293 -20.63 -4.92 36.91
N PHE A 294 -19.85 -4.12 37.68
CA PHE A 294 -18.51 -4.51 38.12
C PHE A 294 -18.59 -5.69 39.08
N ARG A 295 -19.59 -5.68 39.97
CA ARG A 295 -19.77 -6.77 40.89
C ARG A 295 -20.12 -8.07 40.17
N VAL A 296 -20.95 -7.98 39.13
CA VAL A 296 -21.35 -9.21 38.46
C VAL A 296 -20.15 -9.78 37.69
N ALA A 297 -19.35 -8.88 37.12
CA ALA A 297 -18.15 -9.27 36.40
C ALA A 297 -17.21 -9.94 37.39
N GLU A 298 -16.97 -9.27 38.52
CA GLU A 298 -16.15 -9.84 39.57
C GLU A 298 -16.55 -11.26 39.96
N GLU A 299 -17.86 -11.50 40.16
CA GLU A 299 -18.27 -12.81 40.61
C GLU A 299 -18.01 -13.91 39.57
N PHE A 300 -17.98 -13.58 38.28
CA PHE A 300 -17.61 -14.56 37.25
C PHE A 300 -16.15 -15.01 37.50
N PHE A 301 -15.26 -14.04 37.67
CA PHE A 301 -13.87 -14.31 38.01
C PHE A 301 -13.73 -15.14 39.29
N THR A 302 -14.45 -14.84 40.38
CA THR A 302 -14.30 -15.66 41.57
C THR A 302 -14.94 -17.04 41.41
N SER A 303 -15.94 -17.20 40.55
CA SER A 303 -16.54 -18.51 40.31
C SER A 303 -15.50 -19.47 39.71
N LEU A 304 -14.56 -18.91 38.93
CA LEU A 304 -13.45 -19.72 38.40
C LEU A 304 -12.31 -19.89 39.43
N GLU A 305 -12.46 -19.37 40.64
CA GLU A 305 -11.37 -19.39 41.61
C GLU A 305 -10.21 -18.54 41.14
N LEU A 306 -10.49 -17.48 40.39
CA LEU A 306 -9.55 -16.36 40.25
C LEU A 306 -9.78 -15.31 41.37
N SER A 307 -8.96 -14.23 41.41
CA SER A 307 -8.95 -13.37 42.59
C SER A 307 -10.11 -12.39 42.53
N PRO A 308 -10.72 -12.04 43.68
CA PRO A 308 -11.69 -10.95 43.71
C PRO A 308 -10.91 -9.65 43.48
N MET A 309 -11.63 -8.56 43.15
CA MET A 309 -10.98 -7.26 43.13
C MET A 309 -10.61 -6.89 44.56
N PRO A 310 -9.37 -6.42 44.87
CA PRO A 310 -9.05 -6.01 46.24
C PRO A 310 -9.81 -4.77 46.74
N PRO A 311 -9.79 -4.51 48.08
CA PRO A 311 -10.31 -3.26 48.60
C PRO A 311 -9.84 -2.01 47.86
N GLU A 312 -8.53 -1.94 47.52
CA GLU A 312 -7.96 -0.73 46.95
C GLU A 312 -8.58 -0.45 45.59
N PHE A 313 -8.99 -1.54 44.92
CA PHE A 313 -9.71 -1.43 43.65
C PHE A 313 -11.03 -0.70 43.88
N TRP A 314 -11.86 -1.16 44.83
CA TRP A 314 -13.15 -0.52 45.04
C TRP A 314 -13.03 0.91 45.56
N GLU A 315 -12.06 1.16 46.44
CA GLU A 315 -11.88 2.52 46.96
C GLU A 315 -11.33 3.47 45.90
N GLY A 316 -10.46 2.97 45.01
CA GLY A 316 -9.71 3.88 44.14
C GLY A 316 -10.30 4.07 42.75
N SER A 317 -11.13 3.13 42.28
CA SER A 317 -11.55 3.15 40.90
C SER A 317 -12.54 4.27 40.62
N MET A 318 -12.60 4.72 39.35
CA MET A 318 -13.60 5.67 38.94
C MET A 318 -14.58 4.93 38.02
N LEU A 319 -15.77 4.58 38.53
CA LEU A 319 -16.64 3.65 37.80
C LEU A 319 -17.79 4.38 37.10
N GLU A 320 -17.94 5.68 37.35
CA GLU A 320 -18.94 6.48 36.67
C GLU A 320 -18.31 7.81 36.25
N LYS A 321 -18.84 8.42 35.19
CA LYS A 321 -18.46 9.80 34.90
C LYS A 321 -18.74 10.70 36.11
N PRO A 322 -17.73 11.42 36.68
CA PRO A 322 -18.01 12.33 37.81
C PRO A 322 -19.05 13.39 37.47
N ALA A 323 -19.86 13.68 38.47
CA ALA A 323 -21.03 14.54 38.40
C ALA A 323 -20.67 15.97 38.79
N ASP A 324 -19.52 16.14 39.46
CA ASP A 324 -19.00 17.44 39.84
C ASP A 324 -18.48 18.19 38.61
N GLY A 325 -18.88 17.75 37.42
CA GLY A 325 -18.57 18.44 36.17
C GLY A 325 -17.11 18.34 35.72
N ARG A 326 -16.22 17.82 36.60
CA ARG A 326 -14.79 17.65 36.39
C ARG A 326 -14.56 17.07 35.00
N GLU A 327 -13.46 17.45 34.35
CA GLU A 327 -13.12 16.88 33.06
C GLU A 327 -12.32 15.60 33.29
N VAL A 328 -12.71 14.54 32.55
CA VAL A 328 -12.05 13.26 32.75
C VAL A 328 -11.78 12.64 31.38
N VAL A 329 -10.86 11.68 31.34
CA VAL A 329 -10.73 10.87 30.13
C VAL A 329 -11.79 9.78 30.26
N CYS A 330 -12.79 9.77 29.36
CA CYS A 330 -13.88 8.81 29.51
C CYS A 330 -13.58 7.42 28.99
N HIS A 331 -12.69 7.29 27.99
CA HIS A 331 -12.31 6.00 27.45
C HIS A 331 -11.93 5.04 28.58
N ALA A 332 -12.62 3.87 28.63
CA ALA A 332 -12.40 2.85 29.66
C ALA A 332 -10.95 2.39 29.67
N SER A 333 -10.38 2.20 30.86
CA SER A 333 -9.01 1.75 31.01
C SER A 333 -8.79 1.11 32.36
N ALA A 334 -7.78 0.22 32.36
CA ALA A 334 -7.40 -0.59 33.51
C ALA A 334 -5.96 -0.26 33.92
N TRP A 335 -5.72 -0.08 35.23
CA TRP A 335 -4.49 0.55 35.73
C TRP A 335 -3.74 -0.32 36.71
N ASP A 336 -2.47 -0.58 36.39
CA ASP A 336 -1.58 -1.16 37.37
C ASP A 336 -0.61 -0.07 37.88
N PHE A 337 -0.57 0.19 39.20
CA PHE A 337 0.30 1.19 39.82
C PHE A 337 1.71 0.67 40.08
N TYR A 338 1.96 -0.62 39.87
CA TYR A 338 3.28 -1.22 40.01
C TYR A 338 3.76 -1.24 41.46
N ASN A 339 2.85 -1.21 42.44
CA ASN A 339 3.25 -1.25 43.85
C ASN A 339 2.67 -2.52 44.47
N ARG A 340 2.12 -3.37 43.61
CA ARG A 340 1.52 -4.64 44.00
C ARG A 340 0.32 -4.46 44.93
N LYS A 341 -0.28 -3.27 45.01
CA LYS A 341 -1.34 -3.00 45.96
C LYS A 341 -2.53 -2.30 45.29
N ASP A 342 -2.23 -1.33 44.42
CA ASP A 342 -3.22 -0.51 43.75
C ASP A 342 -3.39 -0.91 42.29
N PHE A 343 -4.64 -1.27 41.96
CA PHE A 343 -5.09 -1.55 40.61
C PHE A 343 -6.47 -0.94 40.50
N ARG A 344 -6.77 -0.28 39.38
CA ARG A 344 -8.00 0.48 39.26
C ARG A 344 -8.54 0.40 37.85
N ILE A 345 -9.85 0.62 37.76
CA ILE A 345 -10.45 0.84 36.47
C ILE A 345 -10.94 2.29 36.48
N LYS A 346 -10.81 2.98 35.36
CA LYS A 346 -11.44 4.27 35.16
C LYS A 346 -12.36 4.08 33.95
N GLN A 347 -13.67 4.19 34.16
CA GLN A 347 -14.62 3.98 33.08
C GLN A 347 -15.83 4.88 33.39
N CYS A 348 -16.32 5.58 32.35
CA CYS A 348 -17.54 6.33 32.48
C CYS A 348 -18.70 5.39 32.18
N THR A 349 -19.01 4.48 33.11
CA THR A 349 -19.81 3.31 32.76
C THR A 349 -21.24 3.73 32.43
N ARG A 350 -21.80 3.26 31.33
CA ARG A 350 -23.22 3.44 31.07
C ARG A 350 -23.91 2.07 31.19
N VAL A 351 -25.20 2.06 31.54
CA VAL A 351 -25.92 0.81 31.70
C VAL A 351 -26.42 0.27 30.37
N THR A 352 -25.59 -0.56 29.70
CA THR A 352 -25.92 -1.15 28.43
C THR A 352 -25.24 -2.52 28.43
N MET A 353 -25.75 -3.44 27.61
CA MET A 353 -25.15 -4.75 27.49
C MET A 353 -23.71 -4.68 26.91
N ASP A 354 -23.44 -3.79 25.96
CA ASP A 354 -22.06 -3.77 25.44
C ASP A 354 -21.10 -3.15 26.47
N GLN A 355 -21.62 -2.28 27.34
CA GLN A 355 -20.84 -1.76 28.47
C GLN A 355 -20.54 -2.86 29.47
N LEU A 356 -21.50 -3.79 29.70
CA LEU A 356 -21.19 -4.93 30.55
C LEU A 356 -19.99 -5.70 29.96
N SER A 357 -19.94 -5.92 28.64
CA SER A 357 -18.77 -6.49 27.96
C SER A 357 -17.49 -5.71 28.19
N THR A 358 -17.54 -4.40 28.01
CA THR A 358 -16.38 -3.55 28.30
C THR A 358 -15.93 -3.74 29.75
N VAL A 359 -16.86 -3.79 30.70
CA VAL A 359 -16.49 -4.02 32.09
C VAL A 359 -15.67 -5.31 32.24
N HIS A 360 -16.11 -6.41 31.60
CA HIS A 360 -15.38 -7.67 31.64
C HIS A 360 -14.01 -7.51 30.96
N HIS A 361 -13.99 -6.78 29.86
CA HIS A 361 -12.75 -6.57 29.12
C HIS A 361 -11.72 -5.93 30.07
N GLU A 362 -12.11 -4.82 30.70
CA GLU A 362 -11.28 -4.08 31.65
C GLU A 362 -10.90 -4.95 32.85
N MET A 363 -11.88 -5.66 33.42
CA MET A 363 -11.57 -6.49 34.56
C MET A 363 -10.60 -7.63 34.21
N GLY A 364 -10.64 -8.12 32.96
CA GLY A 364 -9.65 -9.08 32.50
C GLY A 364 -8.21 -8.53 32.68
N HIS A 365 -7.98 -7.26 32.40
CA HIS A 365 -6.65 -6.64 32.52
C HIS A 365 -6.26 -6.59 33.99
N ILE A 366 -7.23 -6.19 34.86
CA ILE A 366 -6.96 -6.19 36.29
C ILE A 366 -6.57 -7.59 36.77
N GLN A 367 -7.32 -8.61 36.32
CA GLN A 367 -7.08 -9.95 36.82
C GLN A 367 -5.63 -10.33 36.46
N TYR A 368 -5.19 -10.09 35.23
CA TYR A 368 -3.83 -10.39 34.84
C TYR A 368 -2.86 -9.68 35.80
N TYR A 369 -3.13 -8.42 36.11
CA TYR A 369 -2.25 -7.67 37.00
C TYR A 369 -2.19 -8.29 38.37
N LEU A 370 -3.34 -8.78 38.89
CA LEU A 370 -3.35 -9.44 40.19
C LEU A 370 -2.55 -10.74 40.13
N GLN A 371 -2.64 -11.47 39.03
CA GLN A 371 -2.01 -12.78 39.04
C GLN A 371 -0.48 -12.68 38.90
N TYR A 372 0.04 -11.60 38.28
CA TYR A 372 1.46 -11.56 37.99
C TYR A 372 2.21 -10.55 38.85
N LYS A 373 1.53 -10.08 39.90
CA LYS A 373 2.00 -8.93 40.66
C LYS A 373 3.29 -9.26 41.42
N ASP A 374 3.56 -10.54 41.64
CA ASP A 374 4.77 -10.89 42.38
C ASP A 374 5.97 -11.15 41.47
N LEU A 375 5.82 -10.99 40.16
CA LEU A 375 6.95 -11.14 39.26
C LEU A 375 7.77 -9.84 39.18
N PRO A 376 9.05 -9.96 38.78
CA PRO A 376 9.88 -8.79 38.43
C PRO A 376 9.13 -7.81 37.55
N VAL A 377 9.25 -6.51 37.83
CA VAL A 377 8.43 -5.57 37.09
C VAL A 377 8.47 -5.80 35.57
N SER A 378 9.63 -6.14 34.96
CA SER A 378 9.73 -6.12 33.51
C SER A 378 8.86 -7.22 32.86
N LEU A 379 8.55 -8.26 33.65
CA LEU A 379 7.78 -9.43 33.29
C LEU A 379 6.28 -9.30 33.64
N ARG A 380 5.86 -8.10 34.04
CA ARG A 380 4.48 -7.81 34.41
C ARG A 380 3.80 -7.33 33.15
N ARG A 381 3.60 -8.27 32.22
CA ARG A 381 3.11 -7.91 30.90
C ARG A 381 2.37 -9.15 30.44
N GLY A 382 1.53 -9.00 29.41
CA GLY A 382 0.94 -10.18 28.82
C GLY A 382 2.05 -10.97 28.11
N ALA A 383 1.78 -12.24 27.81
CA ALA A 383 2.74 -13.00 27.03
C ALA A 383 3.01 -12.30 25.67
N ASN A 384 1.99 -11.68 25.08
CA ASN A 384 2.16 -10.61 24.10
C ASN A 384 1.01 -9.66 24.34
N PRO A 385 0.96 -8.47 23.70
CA PRO A 385 -0.15 -7.58 24.01
C PRO A 385 -1.56 -8.09 23.72
N GLY A 386 -1.71 -8.90 22.67
CA GLY A 386 -2.97 -9.55 22.32
C GLY A 386 -3.50 -10.46 23.44
N PHE A 387 -2.59 -11.07 24.22
CA PHE A 387 -2.99 -11.87 25.38
C PHE A 387 -3.68 -11.03 26.45
N HIS A 388 -3.15 -9.82 26.75
CA HIS A 388 -3.78 -8.97 27.75
C HIS A 388 -5.16 -8.56 27.27
N GLU A 389 -5.28 -8.28 25.96
CA GLU A 389 -6.53 -7.85 25.37
C GLU A 389 -7.57 -9.00 25.33
N ALA A 390 -7.18 -10.28 25.38
CA ALA A 390 -8.14 -11.37 25.17
C ALA A 390 -8.81 -11.86 26.47
N ILE A 391 -8.24 -11.57 27.66
CA ILE A 391 -8.62 -12.27 28.89
C ILE A 391 -10.10 -12.00 29.17
N GLY A 392 -10.45 -10.71 29.21
CA GLY A 392 -11.79 -10.35 29.66
C GLY A 392 -12.84 -10.71 28.62
N ASP A 393 -12.47 -10.60 27.35
CA ASP A 393 -13.29 -10.97 26.19
C ASP A 393 -13.63 -12.46 26.26
N VAL A 394 -12.70 -13.30 26.69
CA VAL A 394 -12.99 -14.73 26.76
C VAL A 394 -14.13 -14.95 27.74
N LEU A 395 -14.02 -14.34 28.93
CA LEU A 395 -15.09 -14.53 29.90
C LEU A 395 -16.40 -13.99 29.35
N ALA A 396 -16.34 -12.81 28.68
CA ALA A 396 -17.53 -12.18 28.13
C ALA A 396 -18.19 -13.06 27.07
N LEU A 397 -17.41 -13.94 26.42
CA LEU A 397 -18.06 -14.92 25.52
C LEU A 397 -19.00 -15.84 26.31
N SER A 398 -18.63 -16.23 27.54
CA SER A 398 -19.51 -17.14 28.26
C SER A 398 -20.70 -16.31 28.79
N VAL A 399 -20.42 -15.09 29.20
CA VAL A 399 -21.41 -14.24 29.84
C VAL A 399 -22.59 -13.98 28.92
N SER A 400 -22.31 -13.80 27.63
CA SER A 400 -23.29 -13.30 26.69
C SER A 400 -24.17 -14.46 26.18
N THR A 401 -23.84 -15.72 26.51
CA THR A 401 -24.67 -16.82 26.04
C THR A 401 -26.07 -16.65 26.64
N PRO A 402 -27.11 -17.02 25.89
CA PRO A 402 -28.47 -16.97 26.43
C PRO A 402 -28.62 -17.68 27.77
N GLU A 403 -27.99 -18.86 27.88
CA GLU A 403 -28.08 -19.65 29.09
C GLU A 403 -27.48 -18.88 30.28
N HIS A 404 -26.34 -18.21 30.03
CA HIS A 404 -25.74 -17.49 31.12
C HIS A 404 -26.60 -16.27 31.47
N LEU A 405 -27.08 -15.53 30.46
CA LEU A 405 -27.90 -14.38 30.74
C LEU A 405 -29.15 -14.79 31.56
N HIS A 406 -29.67 -15.98 31.29
CA HIS A 406 -30.81 -16.43 32.08
C HIS A 406 -30.39 -16.63 33.53
N LYS A 407 -29.19 -17.18 33.72
CA LYS A 407 -28.74 -17.47 35.07
C LYS A 407 -28.62 -16.16 35.86
N ILE A 408 -28.32 -15.04 35.20
CA ILE A 408 -28.07 -13.80 35.93
C ILE A 408 -29.29 -12.87 35.95
N GLY A 409 -30.46 -13.37 35.53
CA GLY A 409 -31.73 -12.68 35.69
C GLY A 409 -32.01 -11.72 34.53
N LEU A 410 -31.28 -11.84 33.42
CA LEU A 410 -31.40 -10.89 32.30
C LEU A 410 -32.14 -11.48 31.10
N LEU A 411 -32.53 -12.76 31.13
CA LEU A 411 -33.23 -13.30 29.98
C LEU A 411 -34.17 -14.33 30.57
N ASP A 412 -35.47 -14.07 30.50
CA ASP A 412 -36.46 -14.93 31.15
C ASP A 412 -36.56 -16.28 30.46
N ARG A 413 -36.72 -16.26 29.14
CA ARG A 413 -37.03 -17.45 28.39
C ARG A 413 -35.68 -17.92 27.84
N VAL A 414 -35.37 -19.21 28.00
CA VAL A 414 -34.21 -19.78 27.32
C VAL A 414 -34.72 -20.71 26.24
N THR A 415 -34.16 -20.63 25.05
CA THR A 415 -34.55 -21.51 23.96
C THR A 415 -33.29 -22.22 23.46
N ASN A 416 -33.43 -23.41 22.89
CA ASN A 416 -32.28 -24.04 22.29
C ASN A 416 -32.70 -24.60 20.93
N ASP A 417 -32.71 -23.77 19.88
CA ASP A 417 -33.22 -24.15 18.57
C ASP A 417 -32.41 -23.39 17.53
N THR A 418 -32.53 -23.77 16.26
CA THR A 418 -31.56 -23.24 15.30
C THR A 418 -31.83 -21.74 15.05
N GLU A 419 -33.08 -21.28 15.22
CA GLU A 419 -33.30 -19.85 14.97
C GLU A 419 -32.64 -19.03 16.07
N SER A 420 -32.77 -19.46 17.33
CA SER A 420 -32.16 -18.77 18.45
C SER A 420 -30.66 -18.69 18.26
N ASP A 421 -30.08 -19.80 17.77
CA ASP A 421 -28.64 -19.86 17.49
C ASP A 421 -28.22 -18.88 16.42
N ILE A 422 -29.02 -18.76 15.35
CA ILE A 422 -28.65 -17.80 14.31
C ILE A 422 -28.72 -16.38 14.88
N ASN A 423 -29.73 -16.10 15.72
CA ASN A 423 -29.86 -14.73 16.22
C ASN A 423 -28.67 -14.48 17.11
N TYR A 424 -28.28 -15.51 17.89
CA TYR A 424 -27.17 -15.28 18.82
C TYR A 424 -25.88 -15.06 18.00
N LEU A 425 -25.62 -15.97 17.07
CA LEU A 425 -24.36 -15.89 16.33
C LEU A 425 -24.32 -14.60 15.47
N LEU A 426 -25.48 -14.15 15.00
CA LEU A 426 -25.48 -12.94 14.22
C LEU A 426 -25.12 -11.76 15.11
N LYS A 427 -25.72 -11.71 16.29
CA LYS A 427 -25.36 -10.66 17.23
C LYS A 427 -23.84 -10.69 17.57
N MET A 428 -23.30 -11.87 17.86
CA MET A 428 -21.89 -12.01 18.15
C MET A 428 -21.02 -11.63 16.94
N ALA A 429 -21.51 -11.93 15.73
CA ALA A 429 -20.75 -11.53 14.56
C ALA A 429 -20.75 -10.00 14.38
N LEU A 430 -21.84 -9.34 14.78
CA LEU A 430 -21.86 -7.87 14.65
C LEU A 430 -20.80 -7.25 15.58
N GLU A 431 -20.54 -7.92 16.72
CA GLU A 431 -19.57 -7.46 17.72
C GLU A 431 -18.14 -7.87 17.33
N LYS A 432 -17.97 -9.08 16.81
CA LYS A 432 -16.66 -9.73 16.69
C LYS A 432 -16.17 -9.74 15.24
N ILE A 433 -16.99 -10.19 14.28
CA ILE A 433 -16.59 -10.22 12.89
C ILE A 433 -16.50 -8.81 12.29
N ALA A 434 -17.49 -7.92 12.57
CA ALA A 434 -17.43 -6.56 12.02
C ALA A 434 -16.15 -5.83 12.45
N PHE A 435 -15.62 -6.15 13.62
CA PHE A 435 -14.44 -5.48 14.17
C PHE A 435 -13.17 -5.88 13.41
N LEU A 436 -13.10 -7.12 12.91
CA LEU A 436 -11.85 -7.66 12.38
C LEU A 436 -11.15 -6.70 11.40
N PRO A 437 -11.82 -6.18 10.34
CA PRO A 437 -11.17 -5.28 9.37
C PRO A 437 -10.63 -4.04 10.07
N PHE A 438 -11.36 -3.51 11.04
CA PHE A 438 -10.94 -2.28 11.68
C PHE A 438 -9.74 -2.56 12.59
N GLY A 439 -9.82 -3.65 13.37
CA GLY A 439 -8.69 -4.13 14.14
C GLY A 439 -7.41 -4.24 13.29
N TYR A 440 -7.51 -4.77 12.07
CA TYR A 440 -6.32 -5.00 11.28
C TYR A 440 -5.85 -3.67 10.64
N LEU A 441 -6.77 -2.79 10.25
CA LEU A 441 -6.41 -1.66 9.38
C LEU A 441 -5.71 -0.54 10.15
N VAL A 442 -5.99 -0.35 11.44
CA VAL A 442 -5.56 0.87 12.14
C VAL A 442 -4.04 0.92 12.20
N ASP A 443 -3.40 -0.20 12.57
CA ASP A 443 -1.94 -0.18 12.64
C ASP A 443 -1.31 -0.27 11.25
N GLN A 444 -2.03 -0.84 10.26
CA GLN A 444 -1.50 -0.68 8.91
C GLN A 444 -1.35 0.80 8.56
N TRP A 445 -2.34 1.58 8.97
CA TRP A 445 -2.25 3.02 8.74
C TRP A 445 -1.05 3.55 9.50
N ARG A 446 -0.99 3.25 10.79
CA ARG A 446 0.07 3.86 11.61
C ARG A 446 1.44 3.36 11.16
N TRP A 447 1.52 2.07 10.75
CA TRP A 447 2.82 1.59 10.29
C TRP A 447 3.30 2.38 9.07
N GLY A 448 2.37 2.70 8.15
CA GLY A 448 2.74 3.47 6.97
C GLY A 448 3.17 4.90 7.36
N VAL A 449 2.52 5.44 8.38
CA VAL A 449 2.89 6.78 8.82
C VAL A 449 4.28 6.75 9.48
N PHE A 450 4.55 5.75 10.34
CA PHE A 450 5.86 5.79 10.99
C PHE A 450 6.97 5.45 10.00
N SER A 451 6.65 4.66 8.98
CA SER A 451 7.69 4.32 8.01
C SER A 451 7.88 5.45 7.01
N GLY A 452 6.98 6.45 7.02
CA GLY A 452 7.15 7.49 6.02
C GLY A 452 6.41 7.15 4.71
N ARG A 453 5.81 5.95 4.57
CA ARG A 453 5.05 5.68 3.35
C ARG A 453 3.85 6.64 3.24
N THR A 454 3.28 7.06 4.40
CA THR A 454 2.15 7.99 4.47
C THR A 454 2.66 9.28 5.12
N PRO A 455 3.06 10.29 4.33
CA PRO A 455 3.47 11.58 4.89
C PRO A 455 2.20 12.33 5.34
N PRO A 456 2.33 13.42 6.13
CA PRO A 456 1.17 14.23 6.51
C PRO A 456 0.24 14.58 5.36
N SER A 457 0.77 14.76 4.15
CA SER A 457 -0.06 15.17 3.02
C SER A 457 -0.98 14.02 2.54
N ARG A 458 -0.79 12.80 3.04
CA ARG A 458 -1.70 11.72 2.67
C ARG A 458 -2.33 11.06 3.91
N TYR A 459 -2.30 11.72 5.06
CA TYR A 459 -2.83 11.03 6.25
C TYR A 459 -4.31 10.57 6.04
N ASN A 460 -5.16 11.45 5.52
CA ASN A 460 -6.59 11.15 5.45
C ASN A 460 -6.88 10.33 4.21
N PHE A 461 -6.16 10.60 3.11
CA PHE A 461 -6.31 9.79 1.91
C PHE A 461 -5.94 8.32 2.17
N ASP A 462 -4.86 8.03 2.89
CA ASP A 462 -4.50 6.64 3.17
C ASP A 462 -5.42 6.00 4.22
N TRP A 463 -5.91 6.80 5.16
CA TRP A 463 -6.87 6.32 6.14
C TRP A 463 -8.14 5.80 5.46
N TRP A 464 -8.68 6.61 4.56
CA TRP A 464 -9.96 6.26 3.95
C TRP A 464 -9.75 5.18 2.91
N TYR A 465 -8.54 5.17 2.29
CA TYR A 465 -8.20 4.07 1.43
C TYR A 465 -8.38 2.74 2.20
N LEU A 466 -7.76 2.66 3.36
CA LEU A 466 -7.77 1.47 4.20
C LEU A 466 -9.18 1.22 4.78
N ARG A 467 -9.88 2.29 5.16
CA ARG A 467 -11.26 2.17 5.67
C ARG A 467 -12.15 1.51 4.63
N THR A 468 -12.06 2.01 3.39
CA THR A 468 -12.86 1.45 2.31
C THR A 468 -12.36 0.04 2.00
N LYS A 469 -11.02 -0.12 1.77
CA LYS A 469 -10.47 -1.40 1.36
C LYS A 469 -10.92 -2.54 2.29
N TYR A 470 -10.80 -2.37 3.61
CA TYR A 470 -11.05 -3.46 4.53
C TYR A 470 -12.50 -3.42 5.05
N GLN A 471 -12.98 -2.23 5.48
CA GLN A 471 -14.29 -2.21 6.11
C GLN A 471 -15.42 -2.06 5.09
N GLY A 472 -15.11 -1.56 3.87
CA GLY A 472 -16.15 -1.28 2.90
C GLY A 472 -17.18 -0.26 3.40
N ILE A 473 -16.67 0.82 4.02
CA ILE A 473 -17.43 2.01 4.41
C ILE A 473 -16.81 3.24 3.74
N CYS A 474 -17.63 4.27 3.69
CA CYS A 474 -17.24 5.51 3.03
C CYS A 474 -17.66 6.66 3.95
N PRO A 475 -16.95 7.80 3.95
CA PRO A 475 -17.33 8.88 4.84
C PRO A 475 -18.62 9.46 4.29
N PRO A 476 -19.58 9.85 5.17
CA PRO A 476 -20.86 10.37 4.71
C PRO A 476 -20.86 11.81 4.23
N VAL A 477 -19.72 12.53 4.36
CA VAL A 477 -19.53 13.89 3.83
C VAL A 477 -18.13 13.91 3.20
N THR A 478 -17.84 14.82 2.26
CA THR A 478 -16.50 14.86 1.64
C THR A 478 -15.44 15.16 2.72
N ARG A 479 -14.30 14.45 2.66
CA ARG A 479 -13.20 14.74 3.55
C ARG A 479 -12.05 15.22 2.67
N ASN A 480 -11.08 15.91 3.24
CA ASN A 480 -9.89 16.32 2.52
C ASN A 480 -8.77 16.31 3.55
N GLU A 481 -7.58 16.71 3.15
CA GLU A 481 -6.42 16.55 4.00
C GLU A 481 -6.39 17.60 5.11
N THR A 482 -7.32 18.53 5.14
CA THR A 482 -7.46 19.27 6.39
C THR A 482 -8.02 18.36 7.49
N HIS A 483 -8.85 17.40 7.13
CA HIS A 483 -9.38 16.45 8.09
C HIS A 483 -8.31 15.43 8.50
N PHE A 484 -8.42 14.94 9.75
CA PHE A 484 -7.48 13.95 10.24
C PHE A 484 -8.34 12.97 11.01
N ASP A 485 -9.06 12.15 10.24
CA ASP A 485 -10.08 11.24 10.74
C ASP A 485 -9.49 10.14 11.60
N ALA A 486 -8.26 9.70 11.31
CA ALA A 486 -7.60 8.77 12.23
C ALA A 486 -7.42 9.35 13.64
N GLY A 487 -7.28 10.68 13.77
CA GLY A 487 -6.98 11.24 15.09
C GLY A 487 -8.28 11.31 15.91
N ALA A 488 -9.41 11.03 15.25
CA ALA A 488 -10.69 11.00 15.96
C ALA A 488 -10.98 9.65 16.65
N LYS A 489 -10.03 8.74 16.59
CA LYS A 489 -10.08 7.48 17.29
C LYS A 489 -9.08 7.54 18.46
N PHE A 490 -9.54 7.27 19.69
CA PHE A 490 -8.74 7.35 20.93
C PHE A 490 -7.28 6.92 20.78
N HIS A 491 -7.02 5.70 20.29
CA HIS A 491 -5.72 5.10 20.36
C HIS A 491 -4.66 5.88 19.57
N VAL A 492 -5.09 6.70 18.61
CA VAL A 492 -4.13 7.42 17.75
C VAL A 492 -3.51 8.57 18.53
N PRO A 493 -4.24 9.62 18.99
CA PRO A 493 -3.64 10.64 19.86
C PRO A 493 -3.11 10.09 21.19
N ASN A 494 -3.69 8.97 21.67
CA ASN A 494 -3.22 8.39 22.93
C ASN A 494 -2.01 7.47 22.69
N VAL A 495 -1.59 7.30 21.44
CA VAL A 495 -0.41 6.50 21.14
C VAL A 495 -0.46 5.12 21.81
N THR A 496 -1.56 4.38 21.58
CA THR A 496 -1.64 3.00 22.02
C THR A 496 -1.78 2.09 20.80
N PRO A 497 -0.89 1.08 20.65
CA PRO A 497 -0.89 0.22 19.46
C PRO A 497 -2.23 -0.52 19.39
N TYR A 498 -2.61 -0.85 18.15
CA TYR A 498 -3.96 -1.34 17.84
C TYR A 498 -3.94 -2.82 17.48
N ILE A 499 -2.83 -3.32 16.87
CA ILE A 499 -2.86 -4.66 16.24
C ILE A 499 -3.19 -5.72 17.31
N ARG A 500 -2.84 -5.45 18.58
CA ARG A 500 -3.20 -6.34 19.70
C ARG A 500 -4.69 -6.73 19.72
N TYR A 501 -5.58 -5.84 19.24
CA TYR A 501 -7.02 -6.07 19.33
C TYR A 501 -7.42 -7.01 18.20
N PHE A 502 -6.71 -6.92 17.08
CA PHE A 502 -6.94 -7.87 16.00
C PHE A 502 -6.48 -9.25 16.45
N VAL A 503 -5.30 -9.30 17.07
CA VAL A 503 -4.75 -10.53 17.57
C VAL A 503 -5.73 -11.10 18.62
N SER A 504 -6.15 -10.23 19.54
CA SER A 504 -7.09 -10.59 20.61
C SER A 504 -8.38 -11.27 20.10
N PHE A 505 -9.01 -10.67 19.10
CA PHE A 505 -10.28 -11.11 18.49
C PHE A 505 -10.16 -12.53 17.92
N VAL A 506 -9.00 -12.91 17.37
CA VAL A 506 -8.73 -14.27 17.00
C VAL A 506 -8.39 -15.14 18.21
N LEU A 507 -7.47 -14.66 19.07
CA LEU A 507 -6.99 -15.54 20.10
C LEU A 507 -8.09 -15.83 21.13
N GLN A 508 -9.03 -14.91 21.31
CA GLN A 508 -10.03 -15.21 22.35
C GLN A 508 -10.84 -16.47 22.02
N PHE A 509 -11.07 -16.73 20.71
CA PHE A 509 -11.78 -17.94 20.31
C PHE A 509 -10.91 -19.18 20.52
N GLN A 510 -9.58 -19.04 20.36
CA GLN A 510 -8.73 -20.19 20.68
C GLN A 510 -8.74 -20.45 22.18
N PHE A 511 -8.69 -19.38 22.98
CA PHE A 511 -8.73 -19.63 24.42
C PHE A 511 -10.10 -20.24 24.83
N HIS A 512 -11.15 -19.70 24.28
CA HIS A 512 -12.52 -20.13 24.63
C HIS A 512 -12.69 -21.62 24.34
N GLU A 513 -12.22 -22.00 23.17
CA GLU A 513 -12.26 -23.39 22.81
C GLU A 513 -11.49 -24.26 23.80
N ALA A 514 -10.26 -23.87 24.13
CA ALA A 514 -9.49 -24.64 25.10
C ALA A 514 -10.17 -24.67 26.46
N LEU A 515 -10.67 -23.53 26.96
CA LEU A 515 -11.23 -23.50 28.31
C LEU A 515 -12.54 -24.29 28.34
N CYS A 516 -13.27 -24.26 27.24
CA CYS A 516 -14.51 -25.05 27.17
C CYS A 516 -14.18 -26.54 27.24
N LYS A 517 -13.20 -26.96 26.43
CA LYS A 517 -12.76 -28.35 26.52
C LYS A 517 -12.32 -28.68 27.95
N GLU A 518 -11.58 -27.78 28.61
CA GLU A 518 -11.05 -28.10 29.92
C GLU A 518 -12.20 -28.17 30.94
N ALA A 519 -13.26 -27.40 30.73
CA ALA A 519 -14.44 -27.34 31.60
C ALA A 519 -15.30 -28.60 31.43
N GLY A 520 -14.96 -29.50 30.49
CA GLY A 520 -15.70 -30.74 30.26
C GLY A 520 -16.95 -30.44 29.42
N TYR A 521 -16.99 -29.28 28.76
CA TYR A 521 -18.19 -28.99 28.02
C TYR A 521 -18.18 -29.69 26.66
N GLU A 522 -19.35 -30.20 26.23
CA GLU A 522 -19.44 -31.12 25.11
C GLU A 522 -20.49 -30.77 24.05
N GLY A 523 -21.03 -29.55 24.04
CA GLY A 523 -21.92 -29.17 22.97
C GLY A 523 -21.28 -28.13 22.04
N PRO A 524 -22.10 -27.41 21.24
CA PRO A 524 -21.60 -26.44 20.28
C PRO A 524 -20.77 -25.38 21.02
N LEU A 525 -19.69 -24.98 20.40
CA LEU A 525 -18.75 -24.07 21.06
C LEU A 525 -19.43 -22.75 21.43
N HIS A 526 -20.41 -22.29 20.65
CA HIS A 526 -21.01 -20.98 20.93
C HIS A 526 -22.00 -21.06 22.09
N GLN A 527 -22.29 -22.26 22.61
CA GLN A 527 -23.20 -22.34 23.74
C GLN A 527 -22.45 -22.60 25.04
N CYS A 528 -21.13 -22.67 24.94
CA CYS A 528 -20.37 -23.04 26.12
C CYS A 528 -20.38 -21.86 27.11
N ASP A 529 -20.55 -22.17 28.40
CA ASP A 529 -20.43 -21.18 29.48
C ASP A 529 -19.45 -21.79 30.48
N ILE A 530 -18.28 -21.17 30.73
CA ILE A 530 -17.29 -21.76 31.62
C ILE A 530 -17.56 -21.36 33.09
N TYR A 531 -18.61 -20.55 33.30
CA TYR A 531 -18.99 -20.15 34.65
C TYR A 531 -18.83 -21.30 35.63
N ARG A 532 -18.18 -21.02 36.78
CA ARG A 532 -18.02 -21.94 37.89
C ARG A 532 -17.11 -23.12 37.52
N SER A 533 -16.35 -23.04 36.43
CA SER A 533 -15.49 -24.18 36.15
C SER A 533 -14.15 -23.88 36.78
N THR A 534 -13.86 -24.52 37.92
CA THR A 534 -12.57 -24.28 38.55
C THR A 534 -11.45 -24.92 37.74
N LYS A 535 -11.72 -25.98 36.96
CA LYS A 535 -10.71 -26.50 36.03
C LYS A 535 -10.38 -25.50 34.92
N ALA A 536 -11.39 -24.83 34.31
CA ALA A 536 -11.10 -23.76 33.35
C ALA A 536 -10.29 -22.64 34.01
N GLY A 537 -10.66 -22.34 35.25
CA GLY A 537 -10.00 -21.26 35.97
C GLY A 537 -8.50 -21.54 36.17
N ALA A 538 -8.16 -22.76 36.59
CA ALA A 538 -6.79 -23.16 36.84
C ALA A 538 -5.96 -23.08 35.54
N LYS A 539 -6.53 -23.49 34.41
CA LYS A 539 -5.81 -23.36 33.14
C LYS A 539 -5.61 -21.87 32.78
N LEU A 540 -6.65 -21.04 32.97
CA LEU A 540 -6.47 -19.63 32.68
C LEU A 540 -5.40 -19.03 33.61
N ARG A 541 -5.40 -19.49 34.87
CA ARG A 541 -4.54 -18.91 35.89
C ARG A 541 -3.08 -19.18 35.55
N LYS A 542 -2.78 -20.36 35.00
CA LYS A 542 -1.41 -20.67 34.59
C LYS A 542 -0.95 -19.64 33.57
N VAL A 543 -1.79 -19.27 32.59
CA VAL A 543 -1.42 -18.24 31.64
C VAL A 543 -1.18 -16.91 32.35
N LEU A 544 -2.10 -16.55 33.27
CA LEU A 544 -2.07 -15.19 33.83
C LEU A 544 -0.80 -15.04 34.69
N ARG A 545 -0.46 -16.08 35.43
CA ARG A 545 0.65 -16.09 36.37
C ARG A 545 2.02 -16.04 35.67
N ALA A 546 2.08 -16.37 34.37
CA ALA A 546 3.30 -16.36 33.57
C ALA A 546 3.76 -14.95 33.22
N GLY A 547 2.86 -13.95 33.19
CA GLY A 547 3.24 -12.66 32.65
C GLY A 547 4.01 -12.89 31.35
N SER A 548 5.10 -12.12 31.14
CA SER A 548 5.88 -12.18 29.92
C SER A 548 7.15 -12.95 30.19
N SER A 549 7.07 -13.91 31.12
CA SER A 549 8.30 -14.55 31.52
C SER A 549 8.74 -15.63 30.54
N ARG A 550 7.82 -16.14 29.70
CA ARG A 550 8.12 -17.14 28.68
C ARG A 550 7.58 -16.67 27.33
N PRO A 551 8.18 -17.11 26.19
CA PRO A 551 7.69 -16.68 24.88
C PRO A 551 6.20 -17.00 24.70
N TRP A 552 5.46 -16.08 24.06
CA TRP A 552 4.02 -16.25 23.95
C TRP A 552 3.67 -17.53 23.19
N GLN A 553 4.53 -17.93 22.23
CA GLN A 553 4.28 -19.12 21.43
C GLN A 553 4.19 -20.38 22.30
N GLU A 554 5.03 -20.45 23.34
CA GLU A 554 5.02 -21.60 24.23
C GLU A 554 3.94 -21.53 25.31
N VAL A 555 3.60 -20.33 25.76
CA VAL A 555 2.44 -20.17 26.64
C VAL A 555 1.19 -20.62 25.88
N LEU A 556 1.03 -20.17 24.64
CA LEU A 556 -0.12 -20.52 23.83
C LEU A 556 -0.20 -22.04 23.65
N LYS A 557 0.95 -22.63 23.29
CA LYS A 557 0.99 -24.08 23.07
C LYS A 557 0.58 -24.84 24.33
N ASP A 558 1.04 -24.42 25.51
CA ASP A 558 0.61 -25.12 26.71
C ASP A 558 -0.90 -24.98 26.90
N MET A 559 -1.43 -23.81 26.58
CA MET A 559 -2.82 -23.57 26.91
C MET A 559 -3.77 -24.28 25.95
N VAL A 560 -3.51 -24.20 24.64
CA VAL A 560 -4.49 -24.52 23.61
C VAL A 560 -3.94 -25.63 22.74
N GLY A 561 -2.66 -25.92 22.89
CA GLY A 561 -2.08 -27.06 22.20
C GLY A 561 -1.50 -26.67 20.84
N LEU A 562 -1.37 -25.38 20.54
CA LEU A 562 -0.80 -24.97 19.26
C LEU A 562 0.10 -23.77 19.55
N ASP A 563 1.17 -23.57 18.79
CA ASP A 563 2.03 -22.45 19.18
C ASP A 563 1.84 -21.26 18.24
N ALA A 564 0.68 -21.15 17.57
CA ALA A 564 0.43 -20.00 16.70
C ALA A 564 -1.02 -19.53 16.81
N LEU A 565 -1.25 -18.28 16.37
CA LEU A 565 -2.60 -17.77 16.19
C LEU A 565 -3.24 -18.60 15.09
N ASP A 566 -4.54 -18.84 15.22
CA ASP A 566 -5.22 -19.75 14.30
C ASP A 566 -6.68 -19.33 14.23
N ALA A 567 -7.18 -19.17 12.99
CA ALA A 567 -8.54 -18.71 12.78
C ALA A 567 -9.55 -19.86 12.98
N GLN A 568 -9.10 -21.10 13.04
CA GLN A 568 -10.02 -22.24 13.03
C GLN A 568 -11.04 -22.17 14.17
N PRO A 569 -10.67 -21.88 15.42
CA PRO A 569 -11.64 -21.77 16.51
C PRO A 569 -12.71 -20.72 16.24
N LEU A 570 -12.34 -19.53 15.78
CA LEU A 570 -13.37 -18.53 15.46
C LEU A 570 -14.27 -19.02 14.32
N LEU A 571 -13.68 -19.67 13.30
CA LEU A 571 -14.50 -20.17 12.19
C LEU A 571 -15.49 -21.21 12.73
N LYS A 572 -15.02 -22.12 13.58
CA LYS A 572 -15.83 -23.19 14.13
C LYS A 572 -16.95 -22.57 14.96
N TYR A 573 -16.62 -21.56 15.76
CA TYR A 573 -17.62 -20.94 16.62
C TYR A 573 -18.75 -20.37 15.75
N PHE A 574 -18.39 -19.77 14.62
CA PHE A 574 -19.29 -19.01 13.76
C PHE A 574 -19.91 -19.87 12.67
N GLN A 575 -19.53 -21.13 12.55
CA GLN A 575 -19.82 -21.88 11.33
C GLN A 575 -21.31 -21.90 10.94
N LEU A 576 -22.24 -22.00 11.91
CA LEU A 576 -23.66 -22.04 11.53
C LEU A 576 -24.14 -20.75 10.84
N VAL A 577 -23.70 -19.60 11.35
CA VAL A 577 -24.20 -18.35 10.79
C VAL A 577 -23.36 -17.97 9.57
N THR A 578 -22.13 -18.50 9.45
CA THR A 578 -21.33 -18.30 8.26
C THR A 578 -22.09 -18.89 7.06
N GLN A 579 -22.55 -20.12 7.24
CA GLN A 579 -23.26 -20.83 6.20
C GLN A 579 -24.64 -20.20 5.95
N TRP A 580 -25.32 -19.70 6.98
CA TRP A 580 -26.66 -19.14 6.80
C TRP A 580 -26.61 -17.78 6.07
N LEU A 581 -25.65 -16.93 6.45
CA LEU A 581 -25.46 -15.66 5.76
C LEU A 581 -25.11 -15.89 4.28
N GLN A 582 -24.28 -16.90 3.95
CA GLN A 582 -23.91 -17.12 2.57
C GLN A 582 -25.18 -17.56 1.84
N GLU A 583 -26.00 -18.41 2.45
CA GLU A 583 -27.22 -18.85 1.79
C GLU A 583 -28.16 -17.66 1.60
N GLN A 584 -28.37 -16.86 2.64
CA GLN A 584 -29.24 -15.70 2.51
C GLN A 584 -28.75 -14.70 1.44
N ASN A 585 -27.46 -14.31 1.49
CA ASN A 585 -26.92 -13.38 0.50
C ASN A 585 -27.18 -13.92 -0.91
N GLN A 586 -26.95 -15.21 -1.12
CA GLN A 586 -27.13 -15.87 -2.42
C GLN A 586 -28.59 -15.79 -2.85
N GLN A 587 -29.53 -16.13 -1.96
CA GLN A 587 -30.96 -16.05 -2.26
C GLN A 587 -31.38 -14.61 -2.52
N ASN A 588 -30.74 -13.63 -1.91
CA ASN A 588 -31.22 -12.28 -2.13
C ASN A 588 -30.56 -11.68 -3.36
N GLY A 589 -29.69 -12.44 -4.03
CA GLY A 589 -28.92 -11.92 -5.16
C GLY A 589 -27.98 -10.79 -4.72
N GLU A 590 -27.34 -10.94 -3.57
CA GLU A 590 -26.50 -9.84 -3.15
C GLU A 590 -25.20 -9.84 -3.97
N VAL A 591 -24.60 -8.67 -4.09
CA VAL A 591 -23.21 -8.66 -4.54
C VAL A 591 -22.31 -8.58 -3.31
N LEU A 592 -21.36 -9.50 -3.19
CA LEU A 592 -20.43 -9.45 -2.09
C LEU A 592 -19.40 -8.37 -2.42
N GLY A 593 -19.04 -7.56 -1.44
CA GLY A 593 -18.03 -6.58 -1.73
C GLY A 593 -18.71 -5.27 -2.13
N TRP A 594 -17.87 -4.29 -2.50
CA TRP A 594 -18.37 -2.97 -2.82
C TRP A 594 -17.67 -2.53 -4.09
N PRO A 595 -18.05 -3.08 -5.29
CA PRO A 595 -17.40 -2.73 -6.55
C PRO A 595 -17.62 -1.27 -6.95
N GLU A 596 -18.68 -0.61 -6.40
CA GLU A 596 -18.80 0.84 -6.60
C GLU A 596 -18.01 1.60 -5.55
N TYR A 597 -16.68 1.45 -5.60
CA TYR A 597 -15.77 1.87 -4.54
C TYR A 597 -15.73 3.40 -4.42
N GLN A 598 -16.16 4.11 -5.47
CA GLN A 598 -16.05 5.56 -5.51
C GLN A 598 -17.34 6.20 -4.97
N TRP A 599 -18.40 5.41 -4.72
CA TRP A 599 -19.69 5.98 -4.38
C TRP A 599 -19.66 6.58 -2.98
N HIS A 600 -20.28 7.76 -2.82
CA HIS A 600 -20.54 8.31 -1.49
C HIS A 600 -22.00 8.78 -1.47
N PRO A 601 -22.69 8.79 -0.30
CA PRO A 601 -24.11 9.17 -0.29
C PRO A 601 -24.24 10.70 -0.50
N PRO A 602 -25.38 11.23 -0.96
CA PRO A 602 -25.58 12.68 -1.07
C PRO A 602 -25.74 13.23 0.36
N LEU A 603 -25.57 14.55 0.51
CA LEU A 603 -25.94 15.24 1.75
C LEU A 603 -27.47 15.28 1.84
N PRO A 604 -28.10 15.17 3.02
CA PRO A 604 -29.54 15.49 3.15
C PRO A 604 -29.88 16.89 2.63
N ASP A 605 -31.12 17.08 2.16
CA ASP A 605 -31.46 18.32 1.45
C ASP A 605 -31.18 19.59 2.26
N ASN A 606 -31.33 19.49 3.59
CA ASN A 606 -31.25 20.63 4.50
C ASN A 606 -29.98 20.57 5.37
N TYR A 607 -28.89 19.99 4.86
CA TYR A 607 -27.73 19.74 5.71
C TYR A 607 -27.01 21.06 6.01
N PRO A 608 -26.62 21.39 7.28
CA PRO A 608 -26.98 20.62 8.48
C PRO A 608 -28.39 20.83 9.02
N ASP B 2 11.75 -30.38 -32.14
CA ASP B 2 12.76 -30.92 -33.11
C ASP B 2 14.04 -31.40 -32.40
N PRO B 3 14.51 -32.63 -32.75
CA PRO B 3 15.71 -33.22 -32.18
C PRO B 3 17.02 -32.44 -32.29
N GLY B 4 17.36 -31.96 -33.49
CA GLY B 4 18.44 -31.00 -33.70
C GLY B 4 18.51 -29.90 -32.63
N LEU B 5 17.38 -29.54 -31.98
CA LEU B 5 17.25 -28.46 -31.00
C LEU B 5 17.30 -28.92 -29.53
N GLN B 6 17.23 -30.26 -29.31
CA GLN B 6 17.17 -30.82 -27.97
C GLN B 6 18.58 -31.00 -27.42
N PRO B 7 18.78 -30.86 -26.11
CA PRO B 7 20.13 -30.69 -25.55
C PRO B 7 21.00 -31.96 -25.60
N GLY B 8 22.31 -31.75 -25.78
CA GLY B 8 23.19 -32.88 -25.99
C GLY B 8 23.61 -33.53 -24.66
N GLN B 9 24.81 -34.09 -24.65
CA GLN B 9 25.36 -34.57 -23.40
C GLN B 9 26.56 -33.70 -22.97
N PHE B 10 26.62 -33.39 -21.67
CA PHE B 10 27.54 -32.41 -21.09
C PHE B 10 27.91 -32.88 -19.67
N SER B 11 29.16 -32.60 -19.25
CA SER B 11 29.55 -32.92 -17.89
C SER B 11 29.15 -31.83 -16.89
N ALA B 12 29.24 -32.19 -15.60
CA ALA B 12 28.61 -31.43 -14.52
C ALA B 12 29.66 -30.58 -13.76
N ASP B 13 30.21 -29.59 -14.46
CA ASP B 13 31.37 -28.82 -14.01
C ASP B 13 31.45 -27.59 -14.89
N GLU B 14 32.36 -26.67 -14.54
CA GLU B 14 32.36 -25.34 -15.14
C GLU B 14 32.69 -25.39 -16.63
N ALA B 15 33.57 -26.34 -16.97
CA ALA B 15 34.05 -26.64 -18.32
C ALA B 15 32.92 -27.13 -19.24
N GLY B 16 32.25 -28.25 -18.83
CA GLY B 16 31.01 -28.73 -19.43
C GLY B 16 29.95 -27.63 -19.54
N ALA B 17 29.75 -26.82 -18.47
CA ALA B 17 28.70 -25.80 -18.47
C ALA B 17 28.98 -24.64 -19.44
N GLN B 18 30.27 -24.42 -19.78
CA GLN B 18 30.71 -23.50 -20.82
C GLN B 18 30.27 -24.03 -22.18
N LEU B 19 30.54 -25.33 -22.41
CA LEU B 19 30.12 -26.08 -23.59
C LEU B 19 28.61 -25.94 -23.74
N PHE B 20 27.90 -26.04 -22.60
CA PHE B 20 26.46 -26.20 -22.55
C PHE B 20 25.81 -24.90 -23.00
N ALA B 21 26.32 -23.83 -22.41
CA ALA B 21 25.86 -22.49 -22.70
C ALA B 21 26.02 -22.19 -24.20
N GLN B 22 27.18 -22.49 -24.77
CA GLN B 22 27.41 -22.22 -26.19
C GLN B 22 26.38 -22.90 -27.08
N SER B 23 26.16 -24.19 -26.82
CA SER B 23 25.18 -25.08 -27.41
C SER B 23 23.74 -24.61 -27.15
N TYR B 24 23.48 -24.07 -25.97
CA TYR B 24 22.15 -23.53 -25.70
C TYR B 24 21.86 -22.34 -26.62
N GLN B 25 22.86 -21.47 -26.79
CA GLN B 25 22.73 -20.14 -27.38
C GLN B 25 22.68 -20.28 -28.91
N SER B 26 23.39 -21.28 -29.40
CA SER B 26 23.33 -21.74 -30.78
C SER B 26 21.91 -22.11 -31.18
N SER B 27 21.26 -22.95 -30.37
CA SER B 27 19.98 -23.55 -30.73
C SER B 27 18.84 -22.60 -30.49
N ALA B 28 19.07 -21.72 -29.54
CA ALA B 28 18.01 -20.80 -29.15
C ALA B 28 17.82 -19.76 -30.26
N GLU B 29 18.82 -19.61 -31.13
CA GLU B 29 18.76 -18.59 -32.17
C GLU B 29 17.58 -18.84 -33.10
N GLN B 30 17.43 -20.07 -33.57
CA GLN B 30 16.42 -20.43 -34.56
C GLN B 30 15.03 -20.46 -33.89
N VAL B 31 15.06 -20.64 -32.57
CA VAL B 31 13.78 -20.75 -31.90
C VAL B 31 13.24 -19.34 -31.73
N LEU B 32 14.10 -18.43 -31.22
CA LEU B 32 13.76 -17.02 -31.08
C LEU B 32 13.34 -16.51 -32.45
N PHE B 33 14.11 -16.84 -33.49
CA PHE B 33 13.79 -16.42 -34.85
C PHE B 33 12.34 -16.76 -35.21
N GLN B 34 11.93 -18.03 -35.16
CA GLN B 34 10.60 -18.40 -35.61
C GLN B 34 9.47 -17.73 -34.78
N SER B 35 9.68 -17.62 -33.47
CA SER B 35 8.71 -16.91 -32.64
C SER B 35 8.65 -15.41 -32.99
N VAL B 36 9.79 -14.72 -33.08
CA VAL B 36 9.72 -13.27 -33.38
C VAL B 36 9.04 -13.09 -34.73
N ALA B 37 9.43 -13.92 -35.71
CA ALA B 37 8.87 -13.95 -37.05
C ALA B 37 7.34 -14.07 -37.04
N ALA B 38 6.78 -15.04 -36.31
CA ALA B 38 5.33 -15.19 -36.20
C ALA B 38 4.65 -13.99 -35.51
N SER B 39 5.28 -13.42 -34.48
CA SER B 39 4.71 -12.25 -33.82
C SER B 39 4.59 -11.09 -34.81
N TRP B 40 5.66 -10.94 -35.62
CA TRP B 40 5.72 -9.88 -36.61
C TRP B 40 4.53 -10.02 -37.52
N ALA B 41 4.41 -11.20 -38.15
CA ALA B 41 3.31 -11.51 -39.07
C ALA B 41 1.94 -11.22 -38.47
N HIS B 42 1.75 -11.49 -37.18
CA HIS B 42 0.49 -11.17 -36.53
C HIS B 42 0.32 -9.65 -36.32
N ASP B 43 1.33 -9.03 -35.70
CA ASP B 43 1.18 -7.64 -35.25
C ASP B 43 1.02 -6.67 -36.42
N THR B 44 1.54 -7.05 -37.60
CA THR B 44 1.43 -6.21 -38.78
C THR B 44 0.25 -6.68 -39.61
N ASN B 45 -0.62 -7.53 -39.05
CA ASN B 45 -1.71 -8.14 -39.80
C ASN B 45 -2.51 -9.06 -38.87
N ILE B 46 -3.38 -8.47 -38.06
CA ILE B 46 -4.03 -9.20 -36.98
C ILE B 46 -5.19 -10.01 -37.55
N THR B 47 -5.03 -11.34 -37.62
CA THR B 47 -6.07 -12.30 -37.95
C THR B 47 -6.02 -13.52 -37.03
N ALA B 48 -7.08 -14.35 -37.18
CA ALA B 48 -7.18 -15.62 -36.48
C ALA B 48 -5.98 -16.48 -36.86
N GLU B 49 -5.71 -16.56 -38.17
CA GLU B 49 -4.64 -17.41 -38.67
C GLU B 49 -3.30 -16.97 -38.09
N ASN B 50 -3.05 -15.66 -38.06
CA ASN B 50 -1.72 -15.27 -37.63
C ASN B 50 -1.61 -15.55 -36.13
N ALA B 51 -2.74 -15.35 -35.45
CA ALA B 51 -2.87 -15.74 -34.04
C ALA B 51 -2.48 -17.21 -33.80
N ARG B 52 -3.07 -18.14 -34.58
CA ARG B 52 -2.74 -19.55 -34.41
C ARG B 52 -1.23 -19.77 -34.58
N ARG B 53 -0.69 -19.21 -35.68
CA ARG B 53 0.71 -19.42 -36.01
C ARG B 53 1.57 -18.95 -34.84
N GLN B 54 1.16 -17.82 -34.28
CA GLN B 54 1.93 -17.20 -33.23
C GLN B 54 1.91 -18.12 -31.99
N GLU B 55 0.76 -18.69 -31.68
CA GLU B 55 0.60 -19.62 -30.56
C GLU B 55 1.42 -20.90 -30.74
N GLU B 56 1.47 -21.41 -31.99
CA GLU B 56 2.24 -22.59 -32.36
C GLU B 56 3.72 -22.30 -32.14
N ALA B 57 4.15 -21.07 -32.50
CA ALA B 57 5.55 -20.71 -32.34
C ALA B 57 5.85 -20.57 -30.85
N ALA B 58 4.87 -20.08 -30.10
CA ALA B 58 4.98 -19.93 -28.66
C ALA B 58 5.14 -21.29 -27.94
N LEU B 59 4.32 -22.29 -28.30
CA LEU B 59 4.44 -23.64 -27.76
C LEU B 59 5.85 -24.24 -27.98
N LEU B 60 6.40 -24.00 -29.17
CA LEU B 60 7.70 -24.50 -29.57
C LEU B 60 8.80 -23.90 -28.68
N SER B 61 8.76 -22.58 -28.45
CA SER B 61 9.67 -21.96 -27.49
C SER B 61 9.56 -22.59 -26.11
N GLN B 62 8.32 -22.77 -25.65
CA GLN B 62 8.09 -23.43 -24.37
C GLN B 62 8.73 -24.84 -24.32
N GLU B 63 8.57 -25.62 -25.36
CA GLU B 63 9.21 -26.95 -25.32
C GLU B 63 10.73 -26.84 -25.29
N PHE B 64 11.28 -25.87 -26.04
CA PHE B 64 12.70 -25.61 -26.06
C PHE B 64 13.14 -25.18 -24.65
N ALA B 65 12.41 -24.24 -24.05
CA ALA B 65 12.76 -23.76 -22.72
C ALA B 65 12.71 -24.92 -21.73
N GLU B 66 11.67 -25.76 -21.86
CA GLU B 66 11.51 -26.96 -21.06
C GLU B 66 12.73 -27.88 -21.19
N ALA B 67 13.01 -28.36 -22.40
CA ALA B 67 14.11 -29.32 -22.60
C ALA B 67 15.40 -28.76 -21.99
N TRP B 68 15.74 -27.49 -22.32
CA TRP B 68 17.02 -26.92 -21.97
C TRP B 68 17.13 -26.61 -20.48
N GLY B 69 16.06 -26.00 -19.92
CA GLY B 69 15.95 -25.76 -18.49
C GLY B 69 16.04 -27.01 -17.64
N GLN B 70 15.29 -28.06 -18.01
CA GLN B 70 15.34 -29.39 -17.40
C GLN B 70 16.77 -29.92 -17.35
N LYS B 71 17.48 -29.86 -18.48
CA LYS B 71 18.82 -30.38 -18.51
C LYS B 71 19.70 -29.55 -17.57
N ALA B 72 19.50 -28.22 -17.57
CA ALA B 72 20.38 -27.34 -16.81
C ALA B 72 20.19 -27.61 -15.32
N LYS B 73 18.94 -27.96 -14.98
CA LYS B 73 18.58 -28.34 -13.62
C LYS B 73 19.29 -29.63 -13.24
N GLU B 74 19.23 -30.62 -14.13
CA GLU B 74 19.84 -31.93 -13.96
C GLU B 74 21.35 -31.80 -13.79
N LEU B 75 21.95 -30.83 -14.48
CA LEU B 75 23.40 -30.81 -14.57
C LEU B 75 24.00 -29.87 -13.54
N TYR B 76 23.36 -28.72 -13.31
CA TYR B 76 24.04 -27.59 -12.69
C TYR B 76 23.31 -27.05 -11.46
N GLU B 77 22.13 -27.59 -11.09
CA GLU B 77 21.33 -27.01 -10.01
C GLU B 77 22.15 -26.88 -8.73
N PRO B 78 22.84 -27.93 -8.24
CA PRO B 78 23.95 -27.73 -7.30
C PRO B 78 24.89 -26.57 -7.64
N ILE B 79 25.82 -26.78 -8.60
CA ILE B 79 27.15 -26.16 -8.55
C ILE B 79 27.29 -24.88 -9.39
N TRP B 80 26.21 -24.28 -9.92
CA TRP B 80 26.40 -23.15 -10.83
C TRP B 80 26.67 -21.83 -10.10
N GLN B 81 26.36 -21.84 -8.80
CA GLN B 81 26.57 -20.67 -7.96
C GLN B 81 28.03 -20.60 -7.52
N GLN B 82 28.74 -21.73 -7.62
CA GLN B 82 30.15 -21.83 -7.27
C GLN B 82 31.04 -21.34 -8.43
N PHE B 83 30.49 -21.32 -9.65
CA PHE B 83 31.26 -21.03 -10.85
C PHE B 83 31.91 -19.64 -10.71
N THR B 84 33.23 -19.57 -10.95
CA THR B 84 33.96 -18.32 -10.73
C THR B 84 33.79 -17.33 -11.88
N ASP B 85 33.48 -17.81 -13.11
CA ASP B 85 33.08 -16.97 -14.23
C ASP B 85 31.71 -16.30 -13.96
N PRO B 86 31.67 -14.96 -13.74
CA PRO B 86 30.42 -14.30 -13.36
C PRO B 86 29.33 -14.39 -14.43
N GLN B 87 29.80 -14.58 -15.68
CA GLN B 87 29.06 -14.34 -16.91
C GLN B 87 28.27 -15.58 -17.29
N LEU B 88 28.92 -16.72 -17.06
CA LEU B 88 28.34 -18.04 -17.21
C LEU B 88 27.36 -18.28 -16.07
N ARG B 89 27.72 -17.81 -14.87
CA ARG B 89 26.84 -17.97 -13.72
C ARG B 89 25.44 -17.41 -14.03
N ARG B 90 25.36 -16.30 -14.78
CA ARG B 90 24.05 -15.73 -15.04
C ARG B 90 23.41 -16.24 -16.35
N ILE B 91 24.18 -16.77 -17.32
CA ILE B 91 23.51 -17.43 -18.44
C ILE B 91 22.82 -18.67 -17.87
N ILE B 92 23.51 -19.41 -17.01
CA ILE B 92 22.95 -20.67 -16.53
C ILE B 92 21.74 -20.42 -15.61
N GLY B 93 21.86 -19.45 -14.69
CA GLY B 93 20.72 -18.95 -13.92
C GLY B 93 19.49 -18.68 -14.80
N ALA B 94 19.67 -18.03 -15.95
CA ALA B 94 18.57 -17.67 -16.84
C ALA B 94 17.95 -18.93 -17.43
N VAL B 95 18.82 -19.85 -17.88
CA VAL B 95 18.39 -21.03 -18.62
C VAL B 95 17.41 -21.84 -17.77
N ARG B 96 17.81 -22.01 -16.50
CA ARG B 96 17.22 -22.78 -15.42
C ARG B 96 15.90 -22.18 -14.91
N THR B 97 15.49 -21.02 -15.43
CA THR B 97 14.19 -20.40 -15.16
C THR B 97 13.27 -20.68 -16.34
N LEU B 98 12.25 -21.53 -16.12
CA LEU B 98 11.46 -22.02 -17.23
C LEU B 98 10.27 -21.14 -17.61
N GLY B 99 9.73 -20.32 -16.67
CA GLY B 99 8.63 -19.40 -16.99
C GLY B 99 7.36 -20.17 -17.39
N SER B 100 6.66 -19.72 -18.43
CA SER B 100 5.48 -20.43 -18.87
C SER B 100 5.75 -21.90 -19.30
N ALA B 101 7.03 -22.28 -19.46
CA ALA B 101 7.37 -23.66 -19.80
C ALA B 101 7.10 -24.55 -18.60
N ASN B 102 6.93 -23.96 -17.41
CA ASN B 102 6.65 -24.71 -16.20
C ASN B 102 5.23 -25.26 -16.24
N LEU B 103 4.40 -24.76 -17.18
CA LEU B 103 3.00 -25.14 -17.26
C LEU B 103 2.84 -26.41 -18.07
N PRO B 104 1.72 -27.16 -17.90
CA PRO B 104 1.47 -28.37 -18.69
C PRO B 104 0.94 -27.87 -20.04
N LEU B 105 0.83 -28.77 -21.01
CA LEU B 105 0.42 -28.47 -22.37
C LEU B 105 -0.84 -27.60 -22.41
N ALA B 106 -1.91 -28.06 -21.75
CA ALA B 106 -3.21 -27.40 -21.80
C ALA B 106 -3.13 -25.95 -21.31
N LYS B 107 -2.37 -25.72 -20.22
CA LYS B 107 -2.36 -24.37 -19.68
C LYS B 107 -1.41 -23.52 -20.51
N ARG B 108 -0.35 -24.17 -21.02
CA ARG B 108 0.55 -23.52 -21.95
C ARG B 108 -0.29 -22.89 -23.05
N GLN B 109 -1.20 -23.70 -23.60
CA GLN B 109 -2.13 -23.31 -24.66
C GLN B 109 -3.01 -22.15 -24.20
N GLN B 110 -3.54 -22.25 -22.99
CA GLN B 110 -4.44 -21.21 -22.50
C GLN B 110 -3.66 -19.91 -22.23
N TYR B 111 -2.42 -20.01 -21.76
CA TYR B 111 -1.65 -18.81 -21.50
C TYR B 111 -1.30 -18.08 -22.80
N ASN B 112 -0.90 -18.84 -23.84
CA ASN B 112 -0.52 -18.33 -25.16
C ASN B 112 -1.76 -17.71 -25.81
N ALA B 113 -2.91 -18.36 -25.66
CA ALA B 113 -4.17 -17.85 -26.23
C ALA B 113 -4.64 -16.56 -25.55
N LEU B 114 -4.41 -16.43 -24.25
CA LEU B 114 -4.81 -15.21 -23.56
C LEU B 114 -3.97 -14.02 -24.04
N LEU B 115 -2.70 -14.25 -24.37
CA LEU B 115 -1.82 -13.13 -24.75
C LEU B 115 -2.27 -12.64 -26.12
N SER B 116 -2.53 -13.61 -27.00
CA SER B 116 -3.03 -13.30 -28.31
C SER B 116 -4.37 -12.55 -28.21
N GLN B 117 -5.28 -12.97 -27.32
CA GLN B 117 -6.58 -12.33 -27.31
C GLN B 117 -6.56 -10.94 -26.65
N MET B 118 -5.80 -10.79 -25.57
CA MET B 118 -5.65 -9.46 -24.97
C MET B 118 -5.04 -8.50 -25.97
N SER B 119 -4.06 -8.99 -26.74
CA SER B 119 -3.39 -8.13 -27.71
C SER B 119 -4.39 -7.64 -28.76
N ARG B 120 -5.27 -8.55 -29.21
CA ARG B 120 -6.26 -8.25 -30.23
C ARG B 120 -7.27 -7.24 -29.71
N ILE B 121 -7.80 -7.46 -28.50
CA ILE B 121 -8.80 -6.55 -27.96
C ILE B 121 -8.20 -5.14 -27.85
N TYR B 122 -6.98 -5.00 -27.31
CA TYR B 122 -6.41 -3.66 -27.14
C TYR B 122 -6.30 -2.96 -28.51
N SER B 123 -5.73 -3.68 -29.48
CA SER B 123 -5.30 -3.07 -30.73
C SER B 123 -6.46 -2.95 -31.70
N THR B 124 -7.55 -3.69 -31.47
CA THR B 124 -8.70 -3.59 -32.36
C THR B 124 -9.82 -2.81 -31.69
N ALA B 125 -9.64 -2.31 -30.45
CA ALA B 125 -10.76 -1.62 -29.81
C ALA B 125 -11.08 -0.33 -30.56
N LYS B 126 -12.37 0.06 -30.61
CA LYS B 126 -12.68 1.32 -31.26
C LYS B 126 -13.73 2.04 -30.42
N VAL B 127 -13.85 3.35 -30.68
CA VAL B 127 -14.80 4.21 -30.02
C VAL B 127 -15.82 4.66 -31.03
N CYS B 128 -17.09 4.51 -30.69
CA CYS B 128 -18.07 4.63 -31.77
C CYS B 128 -19.21 5.59 -31.40
N LEU B 129 -19.92 6.06 -32.44
CA LEU B 129 -21.15 6.85 -32.47
C LEU B 129 -20.90 8.00 -33.45
N THR B 135 -19.17 4.70 -38.21
CA THR B 135 -18.03 5.65 -38.15
C THR B 135 -17.23 5.43 -36.86
N CYS B 136 -16.04 4.81 -36.96
CA CYS B 136 -15.37 4.32 -35.75
C CYS B 136 -13.96 4.90 -35.59
N TRP B 137 -13.72 5.51 -34.42
CA TRP B 137 -12.44 6.09 -34.05
C TRP B 137 -11.50 5.04 -33.46
N SER B 138 -10.27 5.02 -33.98
CA SER B 138 -9.24 4.15 -33.48
C SER B 138 -8.40 4.96 -32.50
N LEU B 139 -7.64 4.28 -31.66
CA LEU B 139 -6.75 4.98 -30.75
C LEU B 139 -5.73 5.79 -31.54
N ASP B 140 -5.18 5.17 -32.57
CA ASP B 140 -4.12 5.80 -33.34
C ASP B 140 -4.56 5.75 -34.79
N PRO B 141 -4.78 6.88 -35.51
CA PRO B 141 -4.49 8.23 -34.99
C PRO B 141 -5.59 9.01 -34.28
N ASP B 142 -6.85 8.52 -34.32
CA ASP B 142 -7.99 9.41 -34.17
C ASP B 142 -8.09 9.93 -32.74
N LEU B 143 -8.16 8.99 -31.75
CA LEU B 143 -8.24 9.36 -30.34
C LEU B 143 -6.94 10.02 -29.85
N THR B 144 -5.79 9.53 -30.31
CA THR B 144 -4.54 10.21 -30.06
C THR B 144 -4.63 11.69 -30.49
N ASN B 145 -5.08 11.96 -31.71
CA ASN B 145 -5.19 13.33 -32.25
C ASN B 145 -6.21 14.16 -31.43
N ILE B 146 -7.40 13.62 -31.13
CA ILE B 146 -8.34 14.27 -30.22
C ILE B 146 -7.68 14.66 -28.87
N LEU B 147 -7.14 13.69 -28.11
CA LEU B 147 -6.50 13.94 -26.81
C LEU B 147 -5.42 15.02 -26.94
N ALA B 148 -4.69 15.06 -28.11
CA ALA B 148 -3.55 15.96 -28.26
C ALA B 148 -3.98 17.40 -28.52
N SER B 149 -5.06 17.58 -29.28
CA SER B 149 -5.30 18.90 -29.83
C SER B 149 -6.71 19.41 -29.54
N SER B 150 -7.65 18.56 -29.09
CA SER B 150 -8.97 19.10 -28.83
C SER B 150 -8.93 19.83 -27.50
N ARG B 151 -9.56 21.02 -27.43
CA ARG B 151 -9.64 21.79 -26.20
C ARG B 151 -11.09 21.89 -25.75
N SER B 152 -11.93 20.97 -26.25
CA SER B 152 -13.31 20.87 -25.85
C SER B 152 -13.39 19.82 -24.75
N TYR B 153 -13.78 20.28 -23.56
CA TYR B 153 -13.94 19.40 -22.44
C TYR B 153 -14.76 18.17 -22.84
N ALA B 154 -15.92 18.33 -23.48
CA ALA B 154 -16.86 17.21 -23.68
C ALA B 154 -16.32 16.23 -24.71
N MET B 155 -15.59 16.75 -25.69
CA MET B 155 -15.00 15.93 -26.73
C MET B 155 -13.87 15.06 -26.19
N LEU B 156 -13.01 15.66 -25.35
CA LEU B 156 -11.90 14.94 -24.74
C LEU B 156 -12.46 13.87 -23.80
N LEU B 157 -13.57 14.21 -23.08
CA LEU B 157 -14.23 13.28 -22.19
C LEU B 157 -14.75 12.10 -23.00
N PHE B 158 -15.45 12.42 -24.10
CA PHE B 158 -16.00 11.37 -24.92
C PHE B 158 -14.90 10.42 -25.40
N ALA B 159 -13.75 10.98 -25.80
CA ALA B 159 -12.66 10.17 -26.29
C ALA B 159 -12.04 9.31 -25.16
N TRP B 160 -11.80 9.91 -23.99
CA TRP B 160 -11.19 9.27 -22.83
C TRP B 160 -12.09 8.17 -22.25
N GLU B 161 -13.37 8.47 -22.09
CA GLU B 161 -14.31 7.52 -21.53
C GLU B 161 -14.52 6.40 -22.56
N GLY B 162 -14.70 6.78 -23.84
CA GLY B 162 -14.94 5.79 -24.87
C GLY B 162 -13.80 4.79 -24.90
N TRP B 163 -12.55 5.30 -24.83
CA TRP B 163 -11.39 4.45 -24.96
C TRP B 163 -11.30 3.50 -23.75
N HIS B 164 -11.37 4.09 -22.55
CA HIS B 164 -11.20 3.31 -21.32
C HIS B 164 -12.27 2.23 -21.22
N ASN B 165 -13.50 2.56 -21.61
CA ASN B 165 -14.55 1.57 -21.62
C ASN B 165 -14.30 0.48 -22.70
N ALA B 166 -13.93 0.86 -23.94
CA ALA B 166 -13.83 -0.07 -25.05
C ALA B 166 -12.65 -1.02 -24.87
N ALA B 167 -11.54 -0.52 -24.32
CA ALA B 167 -10.39 -1.38 -24.12
C ALA B 167 -10.47 -2.11 -22.77
N GLY B 168 -10.78 -1.38 -21.69
CA GLY B 168 -10.59 -1.93 -20.36
C GLY B 168 -11.61 -3.03 -20.03
N ILE B 169 -12.88 -2.73 -20.24
CA ILE B 169 -13.94 -3.64 -19.78
C ILE B 169 -13.77 -5.08 -20.26
N PRO B 170 -13.69 -5.37 -21.58
CA PRO B 170 -13.49 -6.75 -22.04
C PRO B 170 -12.17 -7.42 -21.67
N LEU B 171 -11.17 -6.60 -21.31
CA LEU B 171 -9.89 -7.15 -20.94
C LEU B 171 -9.94 -7.82 -19.58
N LYS B 172 -10.81 -7.34 -18.69
CA LYS B 172 -10.65 -7.69 -17.29
C LYS B 172 -10.65 -9.21 -17.08
N PRO B 173 -11.67 -9.95 -17.59
CA PRO B 173 -11.75 -11.37 -17.32
C PRO B 173 -10.51 -12.09 -17.84
N LEU B 174 -9.93 -11.58 -18.92
CA LEU B 174 -8.81 -12.25 -19.53
C LEU B 174 -7.57 -12.02 -18.65
N TYR B 175 -7.43 -10.78 -18.18
CA TYR B 175 -6.28 -10.39 -17.40
C TYR B 175 -6.18 -11.21 -16.10
N GLU B 176 -7.30 -11.47 -15.43
CA GLU B 176 -7.28 -12.23 -14.20
C GLU B 176 -6.77 -13.67 -14.46
N ASP B 177 -7.22 -14.28 -15.57
CA ASP B 177 -6.78 -15.62 -15.91
C ASP B 177 -5.30 -15.59 -16.23
N PHE B 178 -4.88 -14.58 -16.99
CA PHE B 178 -3.48 -14.45 -17.34
C PHE B 178 -2.61 -14.38 -16.10
N THR B 179 -3.00 -13.53 -15.14
CA THR B 179 -2.24 -13.30 -13.91
C THR B 179 -2.05 -14.60 -13.14
N ALA B 180 -3.09 -15.43 -13.12
CA ALA B 180 -3.09 -16.65 -12.33
C ALA B 180 -2.07 -17.61 -12.95
N LEU B 181 -2.18 -17.78 -14.26
CA LEU B 181 -1.36 -18.72 -15.02
C LEU B 181 0.09 -18.28 -14.90
N SER B 182 0.27 -16.98 -15.03
CA SER B 182 1.62 -16.45 -15.04
C SER B 182 2.29 -16.73 -13.69
N ASN B 183 1.52 -16.58 -12.59
CA ASN B 183 2.11 -16.75 -11.27
C ASN B 183 2.42 -18.23 -10.98
N GLU B 184 1.50 -19.09 -11.41
CA GLU B 184 1.67 -20.54 -11.25
C GLU B 184 2.98 -20.94 -11.95
N ALA B 185 3.21 -20.38 -13.13
CA ALA B 185 4.39 -20.62 -13.95
C ALA B 185 5.65 -20.27 -13.17
N TYR B 186 5.75 -19.01 -12.71
CA TYR B 186 6.95 -18.44 -12.14
C TYR B 186 7.17 -18.99 -10.74
N LYS B 187 6.08 -19.32 -10.04
CA LYS B 187 6.27 -19.91 -8.72
C LYS B 187 7.15 -21.17 -8.79
N GLN B 188 7.02 -21.93 -9.88
CA GLN B 188 7.80 -23.15 -9.96
C GLN B 188 9.25 -22.86 -10.29
N ASP B 189 9.64 -21.60 -10.49
CA ASP B 189 11.06 -21.36 -10.59
C ASP B 189 11.62 -20.80 -9.29
N GLY B 190 10.79 -20.77 -8.23
CA GLY B 190 11.27 -20.30 -6.93
C GLY B 190 10.95 -18.82 -6.68
N PHE B 191 10.21 -18.19 -7.60
CA PHE B 191 9.75 -16.81 -7.41
C PHE B 191 8.45 -16.81 -6.64
N THR B 192 8.37 -15.88 -5.67
CA THR B 192 7.15 -15.66 -4.89
C THR B 192 5.97 -15.29 -5.81
N ASP B 193 6.22 -14.54 -6.90
CA ASP B 193 5.27 -14.28 -7.98
C ASP B 193 6.00 -13.68 -9.20
N THR B 194 5.23 -13.52 -10.29
CA THR B 194 5.75 -12.98 -11.51
C THR B 194 6.48 -11.65 -11.31
N GLY B 195 5.94 -10.78 -10.44
CA GLY B 195 6.50 -9.46 -10.17
C GLY B 195 7.91 -9.59 -9.62
N ALA B 196 8.13 -10.61 -8.79
CA ALA B 196 9.46 -10.82 -8.21
C ALA B 196 10.45 -11.26 -9.29
N TYR B 197 9.95 -11.96 -10.30
CA TYR B 197 10.86 -12.34 -11.37
C TYR B 197 11.23 -11.10 -12.18
N TRP B 198 10.21 -10.30 -12.52
CA TRP B 198 10.42 -9.07 -13.25
C TRP B 198 11.47 -8.22 -12.56
N ARG B 199 11.32 -8.02 -11.25
CA ARG B 199 12.22 -7.19 -10.47
C ARG B 199 13.61 -7.84 -10.42
N SER B 200 13.70 -9.17 -10.51
CA SER B 200 15.00 -9.81 -10.36
C SER B 200 15.99 -9.33 -11.43
N TRP B 201 15.48 -8.92 -12.59
CA TRP B 201 16.29 -8.41 -13.71
C TRP B 201 17.19 -7.25 -13.31
N TYR B 202 16.94 -6.62 -12.17
CA TYR B 202 17.75 -5.49 -11.82
C TYR B 202 18.93 -5.96 -11.00
N ASN B 203 18.93 -7.25 -10.65
CA ASN B 203 19.96 -7.92 -9.85
C ASN B 203 20.39 -6.97 -8.75
N SER B 204 19.44 -6.63 -7.87
CA SER B 204 19.57 -5.53 -6.90
C SER B 204 18.72 -5.78 -5.66
N PRO B 205 19.37 -6.00 -4.49
CA PRO B 205 18.68 -6.45 -3.28
C PRO B 205 17.75 -5.37 -2.76
N THR B 206 18.08 -4.11 -3.05
CA THR B 206 17.35 -2.99 -2.50
C THR B 206 16.63 -2.16 -3.59
N PHE B 207 16.26 -2.80 -4.73
CA PHE B 207 15.55 -2.16 -5.83
C PHE B 207 14.41 -1.23 -5.38
N GLU B 208 13.38 -1.79 -4.72
CA GLU B 208 12.19 -1.03 -4.40
C GLU B 208 12.52 0.21 -3.57
N ASP B 209 13.35 0.02 -2.53
CA ASP B 209 13.84 1.10 -1.69
C ASP B 209 14.55 2.19 -2.47
N ASP B 210 15.47 1.82 -3.38
CA ASP B 210 16.25 2.77 -4.16
C ASP B 210 15.34 3.61 -5.07
N LEU B 211 14.35 2.96 -5.73
CA LEU B 211 13.39 3.65 -6.57
C LEU B 211 12.65 4.69 -5.74
N GLU B 212 12.20 4.27 -4.54
CA GLU B 212 11.41 5.14 -3.67
C GLU B 212 12.26 6.36 -3.29
N HIS B 213 13.56 6.14 -3.07
CA HIS B 213 14.48 7.20 -2.70
C HIS B 213 14.67 8.15 -3.88
N LEU B 214 14.75 7.64 -5.11
CA LEU B 214 14.84 8.49 -6.29
C LEU B 214 13.55 9.30 -6.44
N TYR B 215 12.40 8.61 -6.34
CA TYR B 215 11.13 9.30 -6.48
C TYR B 215 11.04 10.50 -5.51
N GLN B 216 11.49 10.31 -4.26
CA GLN B 216 11.40 11.37 -3.28
C GLN B 216 12.19 12.62 -3.69
N GLN B 217 13.30 12.48 -4.43
CA GLN B 217 14.00 13.68 -4.83
C GLN B 217 13.36 14.34 -6.05
N LEU B 218 12.63 13.52 -6.81
CA LEU B 218 12.01 14.05 -8.01
C LEU B 218 10.65 14.66 -7.71
N GLU B 219 9.98 14.21 -6.63
CA GLU B 219 8.60 14.61 -6.38
C GLU B 219 8.35 16.13 -6.39
N PRO B 220 9.20 16.95 -5.72
CA PRO B 220 8.96 18.40 -5.70
C PRO B 220 8.84 19.04 -7.09
N LEU B 221 9.68 18.56 -8.02
CA LEU B 221 9.68 19.01 -9.37
C LEU B 221 8.31 18.74 -9.99
N TYR B 222 7.85 17.49 -9.87
CA TYR B 222 6.54 17.19 -10.41
C TYR B 222 5.44 18.00 -9.72
N LEU B 223 5.51 18.18 -8.39
CA LEU B 223 4.45 18.92 -7.70
C LEU B 223 4.29 20.35 -8.23
N ASN B 224 5.42 20.95 -8.59
CA ASN B 224 5.42 22.35 -9.03
C ASN B 224 4.92 22.43 -10.46
N LEU B 225 5.34 21.46 -11.28
CA LEU B 225 4.84 21.41 -12.64
C LEU B 225 3.33 21.24 -12.64
N HIS B 226 2.88 20.26 -11.85
CA HIS B 226 1.48 19.94 -11.68
C HIS B 226 0.68 21.22 -11.37
N ALA B 227 1.08 21.95 -10.33
CA ALA B 227 0.35 23.11 -9.86
C ALA B 227 0.29 24.20 -10.95
N PHE B 228 1.37 24.35 -11.71
CA PHE B 228 1.43 25.44 -12.70
C PHE B 228 0.51 25.09 -13.86
N VAL B 229 0.50 23.79 -14.20
CA VAL B 229 -0.33 23.31 -15.28
C VAL B 229 -1.79 23.36 -14.83
N ARG B 230 -2.05 22.96 -13.58
CA ARG B 230 -3.41 23.02 -13.09
C ARG B 230 -3.95 24.45 -13.23
N ARG B 231 -3.10 25.44 -12.96
CA ARG B 231 -3.58 26.82 -13.05
C ARG B 231 -4.00 27.17 -14.49
N ALA B 232 -3.21 26.76 -15.49
CA ALA B 232 -3.50 27.07 -16.88
C ALA B 232 -4.82 26.41 -17.30
N LEU B 233 -5.00 25.14 -16.88
CA LEU B 233 -6.25 24.44 -17.15
C LEU B 233 -7.41 25.17 -16.51
N HIS B 234 -7.19 25.74 -15.31
CA HIS B 234 -8.31 26.37 -14.61
C HIS B 234 -8.82 27.58 -15.45
N ARG B 235 -7.86 28.33 -15.95
CA ARG B 235 -8.09 29.49 -16.81
C ARG B 235 -8.89 29.08 -18.04
N ARG B 236 -8.62 27.90 -18.58
CA ARG B 236 -9.28 27.47 -19.81
C ARG B 236 -10.67 26.88 -19.51
N TYR B 237 -10.77 26.02 -18.49
CA TYR B 237 -11.98 25.22 -18.37
C TYR B 237 -12.86 25.76 -17.23
N GLY B 238 -12.30 26.59 -16.33
CA GLY B 238 -13.15 27.22 -15.34
C GLY B 238 -13.11 26.53 -13.99
N ASP B 239 -13.89 27.09 -13.06
CA ASP B 239 -13.96 26.61 -11.69
C ASP B 239 -14.80 25.33 -11.64
N ARG B 240 -15.68 25.11 -12.61
CA ARG B 240 -16.53 23.93 -12.52
C ARG B 240 -15.70 22.66 -12.71
N TYR B 241 -14.67 22.75 -13.56
CA TYR B 241 -14.00 21.56 -14.11
C TYR B 241 -12.61 21.39 -13.53
N ILE B 242 -12.14 22.43 -12.87
CA ILE B 242 -10.80 22.43 -12.33
C ILE B 242 -10.87 22.93 -10.90
N ASN B 243 -10.30 22.10 -10.00
CA ASN B 243 -10.16 22.40 -8.59
C ASN B 243 -8.69 22.69 -8.33
N LEU B 244 -8.39 23.96 -8.01
CA LEU B 244 -7.02 24.38 -7.77
C LEU B 244 -6.39 23.71 -6.55
N ARG B 245 -7.18 22.97 -5.74
CA ARG B 245 -6.60 22.23 -4.62
C ARG B 245 -6.85 20.73 -4.73
N GLY B 246 -7.34 20.26 -5.89
CA GLY B 246 -7.67 18.84 -6.07
C GLY B 246 -6.91 18.26 -7.27
N PRO B 247 -7.13 16.96 -7.60
CA PRO B 247 -6.45 16.38 -8.75
C PRO B 247 -7.03 16.95 -10.03
N ILE B 248 -6.18 16.90 -11.05
CA ILE B 248 -6.53 17.37 -12.37
C ILE B 248 -7.32 16.25 -13.02
N PRO B 249 -8.44 16.54 -13.74
CA PRO B 249 -9.16 15.52 -14.51
C PRO B 249 -8.23 14.91 -15.56
N ALA B 250 -8.31 13.56 -15.68
CA ALA B 250 -7.26 12.78 -16.31
C ALA B 250 -7.26 12.93 -17.83
N HIS B 251 -8.24 13.66 -18.40
CA HIS B 251 -8.39 13.73 -19.85
C HIS B 251 -7.83 15.05 -20.42
N LEU B 252 -7.25 15.92 -19.58
CA LEU B 252 -7.07 17.29 -20.04
C LEU B 252 -5.60 17.56 -20.34
N LEU B 253 -4.76 16.53 -20.32
CA LEU B 253 -3.32 16.80 -20.23
C LEU B 253 -2.60 16.45 -21.52
N GLY B 254 -3.36 16.09 -22.54
CA GLY B 254 -2.87 16.07 -23.91
C GLY B 254 -2.50 14.65 -24.37
N ASP B 255 -2.90 13.68 -23.55
CA ASP B 255 -2.46 12.31 -23.71
C ASP B 255 -3.53 11.42 -23.05
N MET B 256 -3.84 10.28 -23.69
CA MET B 256 -4.88 9.37 -23.18
C MET B 256 -4.61 8.94 -21.73
N TRP B 257 -3.33 8.90 -21.32
CA TRP B 257 -2.91 8.35 -20.02
C TRP B 257 -2.36 9.44 -19.12
N ALA B 258 -2.45 10.67 -19.58
CA ALA B 258 -1.87 11.82 -18.89
C ALA B 258 -0.40 11.57 -18.63
N GLN B 259 0.26 10.80 -19.48
CA GLN B 259 1.59 10.34 -19.06
C GLN B 259 2.70 11.30 -19.49
N SER B 260 2.47 12.08 -20.54
CA SER B 260 3.32 13.23 -20.78
C SER B 260 2.43 14.33 -21.35
N TRP B 261 2.88 15.56 -21.09
CA TRP B 261 1.97 16.70 -21.23
C TRP B 261 2.44 17.62 -22.34
N GLU B 262 3.43 17.17 -23.14
CA GLU B 262 3.93 18.11 -24.15
C GLU B 262 2.81 18.64 -25.05
N ASN B 263 1.73 17.89 -25.23
CA ASN B 263 0.72 18.29 -26.21
C ASN B 263 -0.12 19.49 -25.77
N ILE B 264 -0.05 19.88 -24.47
CA ILE B 264 -0.73 21.07 -24.01
C ILE B 264 0.28 22.18 -23.79
N TYR B 265 1.51 22.04 -24.34
CA TYR B 265 2.47 23.15 -24.36
C TYR B 265 1.86 24.48 -24.82
N ASP B 266 1.04 24.48 -25.88
CA ASP B 266 0.51 25.73 -26.43
C ASP B 266 -0.52 26.36 -25.50
N MET B 267 -0.99 25.60 -24.49
CA MET B 267 -1.85 26.17 -23.46
C MET B 267 -1.03 26.76 -22.30
N VAL B 268 0.21 26.31 -22.10
CA VAL B 268 0.90 26.64 -20.85
C VAL B 268 2.18 27.44 -21.11
N VAL B 269 2.55 27.56 -22.39
CA VAL B 269 3.80 28.21 -22.76
C VAL B 269 3.72 29.63 -22.25
N PRO B 270 4.64 30.08 -21.34
CA PRO B 270 4.64 31.45 -20.85
C PRO B 270 4.79 32.60 -21.87
N PHE B 271 5.65 32.39 -22.87
CA PHE B 271 6.04 33.45 -23.77
C PHE B 271 5.64 33.02 -25.17
N PRO B 272 4.32 33.03 -25.49
CA PRO B 272 3.84 32.45 -26.75
C PRO B 272 4.18 33.33 -27.95
N ASP B 273 4.79 34.48 -27.65
CA ASP B 273 5.35 35.41 -28.63
C ASP B 273 6.65 34.88 -29.23
N LYS B 274 7.41 34.05 -28.48
CA LYS B 274 8.73 33.58 -28.90
C LYS B 274 8.55 32.52 -29.99
N PRO B 275 9.60 32.14 -30.80
CA PRO B 275 9.49 31.05 -31.76
C PRO B 275 8.75 29.89 -31.13
N ASN B 276 7.88 29.24 -31.91
CA ASN B 276 7.18 28.07 -31.42
C ASN B 276 8.18 26.89 -31.34
N LEU B 277 8.40 26.32 -30.14
CA LEU B 277 9.34 25.22 -29.96
C LEU B 277 8.71 23.89 -30.33
N ASP B 278 7.44 23.89 -30.72
CA ASP B 278 6.84 22.67 -31.27
C ASP B 278 6.81 22.83 -32.79
N VAL B 279 7.63 22.03 -33.49
CA VAL B 279 8.02 22.38 -34.84
C VAL B 279 7.07 21.59 -35.75
N THR B 280 6.05 20.99 -35.13
CA THR B 280 5.12 20.16 -35.88
C THR B 280 4.69 20.87 -37.16
N SER B 281 4.18 22.10 -37.03
CA SER B 281 3.57 22.72 -38.21
C SER B 281 4.61 23.12 -39.28
N THR B 282 5.87 23.38 -38.85
CA THR B 282 6.97 23.46 -39.82
C THR B 282 7.18 22.11 -40.52
N MET B 283 7.20 21.01 -39.76
CA MET B 283 7.36 19.70 -40.38
C MET B 283 6.28 19.50 -41.46
N LEU B 284 5.02 19.83 -41.17
CA LEU B 284 3.97 19.67 -42.19
C LEU B 284 4.17 20.61 -43.38
N GLN B 285 4.49 21.88 -43.13
CA GLN B 285 4.69 22.84 -44.21
C GLN B 285 5.81 22.40 -45.15
N GLN B 286 6.85 21.73 -44.59
CA GLN B 286 8.00 21.36 -45.41
C GLN B 286 7.79 20.01 -46.07
N GLY B 287 6.71 19.30 -45.70
CA GLY B 287 6.38 18.08 -46.42
C GLY B 287 7.14 16.88 -45.87
N TRP B 288 7.50 16.96 -44.58
CA TRP B 288 8.05 15.79 -43.87
C TRP B 288 7.10 14.61 -43.95
N GLN B 289 7.69 13.42 -44.16
CA GLN B 289 6.97 12.17 -44.10
C GLN B 289 7.70 11.23 -43.15
N ALA B 290 7.02 10.12 -42.80
CA ALA B 290 7.61 9.07 -41.99
C ALA B 290 9.02 8.77 -42.45
N THR B 291 9.20 8.57 -43.76
CA THR B 291 10.53 8.15 -44.23
C THR B 291 11.59 9.18 -43.85
N HIS B 292 11.27 10.46 -43.94
CA HIS B 292 12.24 11.51 -43.65
C HIS B 292 12.59 11.52 -42.17
N MET B 293 11.58 11.24 -41.32
CA MET B 293 11.80 11.23 -39.90
C MET B 293 12.82 10.14 -39.56
N PHE B 294 12.62 8.91 -40.07
CA PHE B 294 13.57 7.85 -39.73
C PHE B 294 14.99 8.19 -40.25
N ARG B 295 15.09 8.80 -41.45
CA ARG B 295 16.40 9.10 -42.05
C ARG B 295 17.13 10.18 -41.25
N VAL B 296 16.38 11.17 -40.75
CA VAL B 296 17.00 12.20 -39.94
C VAL B 296 17.46 11.60 -38.60
N ALA B 297 16.66 10.66 -38.05
CA ALA B 297 17.08 9.98 -36.84
C ALA B 297 18.37 9.18 -37.12
N GLU B 298 18.33 8.41 -38.21
CA GLU B 298 19.46 7.61 -38.58
C GLU B 298 20.73 8.48 -38.69
N GLU B 299 20.60 9.66 -39.29
CA GLU B 299 21.81 10.39 -39.57
C GLU B 299 22.44 10.92 -38.26
N PHE B 300 21.63 11.11 -37.22
CA PHE B 300 22.12 11.47 -35.89
C PHE B 300 23.04 10.34 -35.40
N PHE B 301 22.53 9.11 -35.47
CA PHE B 301 23.30 7.95 -35.05
C PHE B 301 24.59 7.84 -35.87
N THR B 302 24.51 7.98 -37.20
CA THR B 302 25.72 7.84 -38.01
C THR B 302 26.66 9.01 -37.77
N SER B 303 26.15 10.19 -37.32
CA SER B 303 27.06 11.31 -37.04
C SER B 303 27.97 10.98 -35.85
N LEU B 304 27.50 10.11 -34.92
CA LEU B 304 28.25 9.63 -33.76
C LEU B 304 29.16 8.47 -34.13
N GLU B 305 29.18 8.08 -35.42
CA GLU B 305 29.85 6.85 -35.92
C GLU B 305 29.27 5.58 -35.31
N LEU B 306 27.97 5.57 -35.00
CA LEU B 306 27.26 4.31 -34.77
C LEU B 306 26.78 3.80 -36.14
N SER B 307 26.03 2.69 -36.16
CA SER B 307 25.69 2.05 -37.41
C SER B 307 24.48 2.68 -38.06
N PRO B 308 24.49 2.70 -39.42
CA PRO B 308 23.30 3.04 -40.22
C PRO B 308 22.33 1.86 -40.04
N MET B 309 21.04 2.10 -40.29
CA MET B 309 20.08 1.01 -40.37
C MET B 309 20.42 0.20 -41.61
N PRO B 310 20.47 -1.16 -41.53
CA PRO B 310 20.82 -1.99 -42.70
C PRO B 310 19.71 -2.04 -43.75
N PRO B 311 19.98 -2.47 -44.99
CA PRO B 311 18.93 -2.67 -46.01
C PRO B 311 17.69 -3.38 -45.51
N GLU B 312 17.89 -4.49 -44.77
CA GLU B 312 16.80 -5.31 -44.26
C GLU B 312 15.83 -4.47 -43.41
N PHE B 313 16.38 -3.45 -42.71
CA PHE B 313 15.58 -2.55 -41.90
C PHE B 313 14.58 -1.77 -42.77
N TRP B 314 15.05 -1.19 -43.88
CA TRP B 314 14.22 -0.34 -44.74
C TRP B 314 13.26 -1.20 -45.57
N GLU B 315 13.73 -2.38 -45.98
CA GLU B 315 12.91 -3.27 -46.79
C GLU B 315 11.78 -3.87 -45.95
N GLY B 316 11.97 -3.97 -44.64
CA GLY B 316 11.14 -4.88 -43.85
C GLY B 316 10.25 -4.10 -42.89
N SER B 317 10.69 -2.89 -42.53
CA SER B 317 9.99 -2.11 -41.55
C SER B 317 8.56 -1.76 -42.01
N MET B 318 7.67 -1.54 -41.04
CA MET B 318 6.40 -0.90 -41.31
C MET B 318 6.42 0.48 -40.64
N LEU B 319 6.51 1.55 -41.46
CA LEU B 319 6.79 2.88 -40.96
C LEU B 319 5.53 3.76 -41.07
N GLU B 320 4.47 3.25 -41.70
CA GLU B 320 3.23 4.00 -41.74
C GLU B 320 2.08 3.04 -41.48
N LYS B 321 0.95 3.58 -41.01
CA LYS B 321 -0.24 2.77 -40.87
C LYS B 321 -0.69 2.33 -42.26
N PRO B 322 -0.86 1.02 -42.52
CA PRO B 322 -1.26 0.56 -43.85
C PRO B 322 -2.63 1.11 -44.19
N ALA B 323 -2.73 1.59 -45.43
CA ALA B 323 -3.92 2.21 -45.99
C ALA B 323 -5.02 1.19 -46.33
N ASP B 324 -4.68 -0.11 -46.35
CA ASP B 324 -5.41 -1.12 -47.10
C ASP B 324 -6.46 -1.86 -46.26
N GLY B 325 -7.03 -1.20 -45.24
CA GLY B 325 -8.15 -1.78 -44.50
C GLY B 325 -7.74 -2.83 -43.45
N ARG B 326 -6.43 -3.15 -43.40
CA ARG B 326 -5.88 -4.23 -42.59
C ARG B 326 -5.70 -3.78 -41.14
N GLU B 327 -5.65 -4.72 -40.21
CA GLU B 327 -5.58 -4.29 -38.82
C GLU B 327 -4.19 -4.57 -38.28
N VAL B 328 -3.67 -3.58 -37.55
CA VAL B 328 -2.31 -3.58 -37.10
C VAL B 328 -2.25 -3.19 -35.63
N VAL B 329 -1.23 -3.71 -34.94
CA VAL B 329 -0.86 -3.11 -33.69
C VAL B 329 -0.16 -1.79 -34.03
N CYS B 330 -0.82 -0.68 -33.67
CA CYS B 330 -0.25 0.62 -33.98
C CYS B 330 0.87 1.02 -33.02
N HIS B 331 0.80 0.63 -31.75
CA HIS B 331 1.80 1.05 -30.79
C HIS B 331 3.20 0.83 -31.35
N ALA B 332 4.07 1.86 -31.30
CA ALA B 332 5.40 1.75 -31.96
C ALA B 332 6.22 0.65 -31.28
N SER B 333 7.05 -0.06 -32.04
CA SER B 333 7.87 -1.11 -31.47
C SER B 333 9.08 -1.38 -32.37
N ALA B 334 10.14 -1.91 -31.76
CA ALA B 334 11.40 -2.19 -32.43
C ALA B 334 11.71 -3.67 -32.19
N TRP B 335 12.16 -4.36 -33.24
CA TRP B 335 12.14 -5.82 -33.39
C TRP B 335 13.50 -6.36 -33.78
N ASP B 336 13.95 -7.36 -33.02
CA ASP B 336 15.24 -8.04 -33.24
C ASP B 336 14.86 -9.50 -33.47
N PHE B 337 15.13 -10.01 -34.67
CA PHE B 337 14.70 -11.34 -35.06
C PHE B 337 15.71 -12.39 -34.62
N TYR B 338 16.77 -12.01 -33.91
CA TYR B 338 17.79 -12.97 -33.47
C TYR B 338 18.31 -13.81 -34.64
N ASN B 339 18.51 -13.20 -35.82
CA ASN B 339 19.23 -13.86 -36.90
C ASN B 339 20.43 -13.02 -37.34
N ARG B 340 20.69 -11.93 -36.61
CA ARG B 340 21.83 -11.05 -36.82
C ARG B 340 21.70 -10.26 -38.12
N LYS B 341 20.54 -10.37 -38.79
CA LYS B 341 20.34 -9.75 -40.09
C LYS B 341 19.11 -8.84 -40.10
N ASP B 342 17.98 -9.35 -39.60
CA ASP B 342 16.70 -8.65 -39.64
C ASP B 342 16.41 -7.88 -38.36
N PHE B 343 16.17 -6.60 -38.56
CA PHE B 343 15.80 -5.67 -37.50
C PHE B 343 14.79 -4.70 -38.10
N ARG B 344 13.66 -4.50 -37.41
CA ARG B 344 12.60 -3.70 -37.99
C ARG B 344 11.95 -2.81 -36.95
N ILE B 345 11.33 -1.73 -37.42
CA ILE B 345 10.41 -0.96 -36.60
C ILE B 345 9.03 -1.09 -37.22
N LYS B 346 8.00 -1.16 -36.37
CA LYS B 346 6.63 -1.16 -36.82
C LYS B 346 6.03 0.04 -36.11
N GLN B 347 5.76 1.12 -36.86
CA GLN B 347 5.28 2.34 -36.23
C GLN B 347 4.26 2.97 -37.16
N CYS B 348 3.06 3.31 -36.64
CA CYS B 348 2.07 4.05 -37.41
C CYS B 348 2.44 5.54 -37.35
N THR B 349 3.54 5.92 -38.03
CA THR B 349 4.17 7.20 -37.77
C THR B 349 3.29 8.34 -38.23
N ARG B 350 3.17 9.39 -37.43
CA ARG B 350 2.48 10.60 -37.81
C ARG B 350 3.52 11.71 -37.81
N VAL B 351 3.31 12.69 -38.69
CA VAL B 351 4.27 13.78 -38.78
C VAL B 351 3.99 14.81 -37.69
N THR B 352 4.61 14.61 -36.53
CA THR B 352 4.54 15.58 -35.45
C THR B 352 5.88 15.53 -34.73
N MET B 353 6.13 16.57 -33.94
CA MET B 353 7.37 16.63 -33.22
C MET B 353 7.48 15.48 -32.20
N ASP B 354 6.40 15.15 -31.50
CA ASP B 354 6.56 14.10 -30.47
C ASP B 354 6.77 12.72 -31.10
N GLN B 355 6.20 12.48 -32.29
CA GLN B 355 6.51 11.31 -33.07
C GLN B 355 7.99 11.25 -33.47
N LEU B 356 8.58 12.41 -33.81
CA LEU B 356 9.99 12.39 -34.16
C LEU B 356 10.81 11.89 -32.97
N SER B 357 10.39 12.27 -31.76
CA SER B 357 10.95 11.68 -30.54
C SER B 357 10.72 10.17 -30.39
N THR B 358 9.48 9.68 -30.62
CA THR B 358 9.25 8.25 -30.70
C THR B 358 10.20 7.58 -31.71
N VAL B 359 10.34 8.15 -32.89
CA VAL B 359 11.21 7.57 -33.91
C VAL B 359 12.61 7.35 -33.33
N HIS B 360 13.15 8.37 -32.65
CA HIS B 360 14.46 8.25 -32.03
C HIS B 360 14.48 7.15 -30.96
N HIS B 361 13.45 7.14 -30.10
CA HIS B 361 13.32 6.14 -29.05
C HIS B 361 13.41 4.74 -29.67
N GLU B 362 12.64 4.50 -30.75
CA GLU B 362 12.61 3.20 -31.40
C GLU B 362 13.94 2.88 -32.09
N MET B 363 14.52 3.85 -32.75
CA MET B 363 15.78 3.59 -33.41
C MET B 363 16.89 3.33 -32.39
N GLY B 364 16.77 3.92 -31.17
CA GLY B 364 17.67 3.59 -30.09
C GLY B 364 17.68 2.07 -29.81
N HIS B 365 16.50 1.45 -29.87
CA HIS B 365 16.43 -0.01 -29.65
C HIS B 365 17.18 -0.70 -30.77
N ILE B 366 16.87 -0.31 -32.03
CA ILE B 366 17.55 -0.91 -33.19
C ILE B 366 19.06 -0.78 -33.09
N GLN B 367 19.56 0.41 -32.77
CA GLN B 367 20.99 0.59 -32.65
C GLN B 367 21.58 -0.40 -31.63
N TYR B 368 20.95 -0.56 -30.45
CA TYR B 368 21.40 -1.53 -29.45
C TYR B 368 21.53 -2.91 -30.11
N TYR B 369 20.48 -3.33 -30.81
CA TYR B 369 20.43 -4.62 -31.45
C TYR B 369 21.60 -4.75 -32.44
N LEU B 370 21.83 -3.72 -33.24
CA LEU B 370 22.90 -3.74 -34.24
C LEU B 370 24.24 -3.92 -33.55
N GLN B 371 24.39 -3.31 -32.38
CA GLN B 371 25.70 -3.26 -31.75
C GLN B 371 26.07 -4.56 -31.03
N TYR B 372 25.08 -5.36 -30.62
CA TYR B 372 25.37 -6.55 -29.84
C TYR B 372 25.00 -7.79 -30.63
N LYS B 373 24.73 -7.62 -31.93
CA LYS B 373 24.22 -8.72 -32.72
C LYS B 373 25.25 -9.88 -32.76
N ASP B 374 26.51 -9.63 -32.38
CA ASP B 374 27.50 -10.70 -32.52
C ASP B 374 27.73 -11.42 -31.19
N LEU B 375 27.03 -10.98 -30.14
CA LEU B 375 27.12 -11.67 -28.87
C LEU B 375 26.26 -12.93 -28.92
N PRO B 376 26.69 -14.00 -28.21
CA PRO B 376 25.79 -15.10 -27.81
C PRO B 376 24.42 -14.60 -27.35
N VAL B 377 23.34 -15.24 -27.82
CA VAL B 377 21.98 -14.69 -27.74
C VAL B 377 21.65 -14.18 -26.32
N SER B 378 22.09 -14.88 -25.29
CA SER B 378 21.59 -14.55 -23.95
C SER B 378 22.23 -13.26 -23.45
N LEU B 379 23.22 -12.75 -24.20
CA LEU B 379 23.83 -11.49 -23.83
C LEU B 379 23.18 -10.34 -24.62
N ARG B 380 22.16 -10.64 -25.44
CA ARG B 380 21.61 -9.72 -26.44
C ARG B 380 20.43 -9.03 -25.80
N ARG B 381 20.72 -8.31 -24.73
CA ARG B 381 19.69 -7.65 -23.96
C ARG B 381 20.38 -6.38 -23.52
N GLY B 382 19.63 -5.39 -22.98
CA GLY B 382 20.31 -4.21 -22.47
C GLY B 382 21.05 -4.62 -21.19
N ALA B 383 21.97 -3.80 -20.66
CA ALA B 383 22.60 -4.17 -19.41
C ALA B 383 21.59 -4.33 -18.25
N ASN B 384 20.54 -3.52 -18.26
CA ASN B 384 19.26 -3.83 -17.66
C ASN B 384 18.19 -3.27 -18.62
N PRO B 385 16.89 -3.59 -18.46
CA PRO B 385 15.90 -3.10 -19.41
C PRO B 385 15.82 -1.56 -19.52
N GLY B 386 16.11 -0.83 -18.44
CA GLY B 386 16.16 0.63 -18.43
C GLY B 386 17.23 1.18 -19.38
N PHE B 387 18.32 0.45 -19.59
CA PHE B 387 19.36 0.92 -20.51
C PHE B 387 18.82 0.93 -21.92
N HIS B 388 18.07 -0.11 -22.28
CA HIS B 388 17.56 -0.24 -23.63
C HIS B 388 16.61 0.93 -23.86
N GLU B 389 15.82 1.28 -22.83
CA GLU B 389 14.82 2.31 -23.07
C GLU B 389 15.48 3.69 -23.09
N ALA B 390 16.75 3.79 -22.69
CA ALA B 390 17.28 5.13 -22.50
C ALA B 390 17.98 5.61 -23.79
N ILE B 391 18.38 4.69 -24.66
CA ILE B 391 19.38 5.01 -25.68
C ILE B 391 18.88 6.11 -26.63
N GLY B 392 17.73 5.88 -27.27
CA GLY B 392 17.24 6.81 -28.27
C GLY B 392 16.80 8.11 -27.60
N ASP B 393 16.26 8.01 -26.38
CA ASP B 393 15.90 9.17 -25.57
C ASP B 393 17.08 10.12 -25.35
N VAL B 394 18.28 9.57 -25.17
CA VAL B 394 19.46 10.41 -24.97
C VAL B 394 19.71 11.23 -26.22
N LEU B 395 19.73 10.57 -27.39
CA LEU B 395 19.92 11.31 -28.64
C LEU B 395 18.81 12.32 -28.82
N ALA B 396 17.53 11.96 -28.50
CA ALA B 396 16.44 12.91 -28.64
C ALA B 396 16.63 14.16 -27.76
N LEU B 397 17.36 14.03 -26.65
CA LEU B 397 17.68 15.18 -25.79
C LEU B 397 18.48 16.21 -26.59
N SER B 398 19.40 15.72 -27.40
CA SER B 398 20.20 16.61 -28.22
C SER B 398 19.36 17.21 -29.33
N VAL B 399 18.57 16.37 -29.99
CA VAL B 399 17.79 16.76 -31.17
C VAL B 399 16.79 17.87 -30.85
N SER B 400 16.19 17.80 -29.66
CA SER B 400 15.10 18.71 -29.35
C SER B 400 15.60 20.13 -28.99
N THR B 401 16.93 20.30 -28.80
CA THR B 401 17.44 21.62 -28.42
C THR B 401 17.17 22.62 -29.53
N PRO B 402 16.83 23.90 -29.21
CA PRO B 402 16.60 24.91 -30.24
C PRO B 402 17.75 25.00 -31.25
N GLU B 403 18.99 24.92 -30.79
CA GLU B 403 20.12 25.08 -31.70
C GLU B 403 20.16 23.91 -32.68
N HIS B 404 19.81 22.72 -32.18
CA HIS B 404 19.85 21.56 -33.03
C HIS B 404 18.73 21.66 -34.07
N LEU B 405 17.51 22.01 -33.62
CA LEU B 405 16.37 22.18 -34.51
C LEU B 405 16.71 23.20 -35.58
N HIS B 406 17.44 24.25 -35.18
CA HIS B 406 17.92 25.22 -36.17
C HIS B 406 18.84 24.53 -37.16
N LYS B 407 19.68 23.61 -36.69
CA LYS B 407 20.66 23.08 -37.64
C LYS B 407 19.92 22.24 -38.67
N ILE B 408 18.78 21.66 -38.31
CA ILE B 408 18.13 20.76 -39.25
C ILE B 408 16.95 21.46 -39.93
N GLY B 409 16.91 22.79 -39.84
CA GLY B 409 16.03 23.62 -40.63
C GLY B 409 14.60 23.64 -40.11
N LEU B 410 14.37 23.23 -38.87
CA LEU B 410 13.01 23.26 -38.35
C LEU B 410 12.72 24.52 -37.53
N LEU B 411 13.66 25.46 -37.39
CA LEU B 411 13.43 26.62 -36.53
C LEU B 411 14.40 27.73 -36.91
N ASP B 412 13.88 28.96 -37.00
CA ASP B 412 14.72 30.14 -37.25
C ASP B 412 15.26 30.67 -35.92
N VAL B 414 16.73 31.35 -33.15
CA VAL B 414 16.96 30.90 -31.74
C VAL B 414 17.59 32.07 -30.99
N THR B 415 16.81 32.86 -30.26
CA THR B 415 17.50 33.90 -29.50
C THR B 415 17.82 33.37 -28.10
N ASN B 416 19.11 33.39 -27.74
CA ASN B 416 19.59 32.77 -26.51
C ASN B 416 19.34 33.71 -25.33
N ASP B 417 18.05 33.92 -25.02
CA ASP B 417 17.67 34.71 -23.86
C ASP B 417 16.97 33.81 -22.84
N THR B 418 16.62 34.37 -21.70
CA THR B 418 16.27 33.43 -20.65
C THR B 418 14.77 33.11 -20.67
N GLU B 419 13.99 33.90 -21.44
CA GLU B 419 12.60 33.55 -21.79
C GLU B 419 12.58 32.33 -22.71
N SER B 420 13.56 32.26 -23.62
CA SER B 420 13.67 31.14 -24.54
C SER B 420 14.09 29.89 -23.77
N ASP B 421 15.00 30.08 -22.81
CA ASP B 421 15.43 29.01 -21.94
C ASP B 421 14.25 28.42 -21.15
N ILE B 422 13.42 29.30 -20.58
CA ILE B 422 12.33 28.82 -19.76
C ILE B 422 11.29 28.12 -20.64
N ASN B 423 10.99 28.71 -21.80
CA ASN B 423 10.09 28.10 -22.76
C ASN B 423 10.52 26.64 -23.05
N TYR B 424 11.82 26.43 -23.27
CA TYR B 424 12.29 25.14 -23.75
C TYR B 424 12.31 24.12 -22.60
N LEU B 425 12.78 24.57 -21.43
CA LEU B 425 12.84 23.70 -20.29
C LEU B 425 11.45 23.28 -19.82
N LEU B 426 10.48 24.18 -19.97
CA LEU B 426 9.13 23.88 -19.59
C LEU B 426 8.57 22.83 -20.54
N LYS B 427 8.90 22.94 -21.82
CA LYS B 427 8.38 21.98 -22.78
C LYS B 427 8.99 20.62 -22.42
N MET B 428 10.28 20.64 -22.06
CA MET B 428 11.00 19.42 -21.74
C MET B 428 10.42 18.85 -20.44
N ALA B 429 10.02 19.73 -19.52
CA ALA B 429 9.42 19.26 -18.29
C ALA B 429 8.09 18.56 -18.58
N LEU B 430 7.30 19.13 -19.50
CA LEU B 430 6.00 18.52 -19.81
C LEU B 430 6.19 17.10 -20.31
N GLU B 431 7.33 16.87 -21.00
CA GLU B 431 7.59 15.61 -21.66
C GLU B 431 8.21 14.60 -20.69
N LYS B 432 9.14 15.05 -19.81
CA LYS B 432 9.99 14.17 -19.03
C LYS B 432 9.56 14.14 -17.57
N ILE B 433 9.32 15.32 -16.98
CA ILE B 433 9.03 15.34 -15.56
C ILE B 433 7.59 14.85 -15.35
N ALA B 434 6.66 15.22 -16.25
CA ALA B 434 5.28 14.79 -16.05
C ALA B 434 5.16 13.26 -16.03
N PHE B 435 6.04 12.61 -16.78
CA PHE B 435 6.07 11.17 -17.00
C PHE B 435 6.49 10.40 -15.75
N LEU B 436 7.37 11.01 -14.92
CA LEU B 436 7.97 10.30 -13.80
C LEU B 436 6.94 9.57 -12.92
N PRO B 437 5.87 10.21 -12.41
CA PRO B 437 4.94 9.49 -11.53
C PRO B 437 4.30 8.32 -12.29
N PHE B 438 4.00 8.48 -13.57
CA PHE B 438 3.29 7.41 -14.24
C PHE B 438 4.26 6.26 -14.47
N GLY B 439 5.49 6.62 -14.88
CA GLY B 439 6.49 5.59 -15.02
C GLY B 439 6.66 4.77 -13.75
N TYR B 440 6.61 5.46 -12.59
CA TYR B 440 6.79 4.76 -11.33
C TYR B 440 5.55 3.92 -10.94
N LEU B 441 4.35 4.43 -11.19
CA LEU B 441 3.18 3.81 -10.56
C LEU B 441 2.66 2.56 -11.30
N VAL B 442 2.90 2.41 -12.59
CA VAL B 442 2.28 1.34 -13.39
C VAL B 442 2.73 -0.02 -12.85
N ASP B 443 4.05 -0.17 -12.63
CA ASP B 443 4.51 -1.43 -12.05
C ASP B 443 4.16 -1.60 -10.58
N GLN B 444 4.07 -0.53 -9.80
CA GLN B 444 3.53 -0.69 -8.46
C GLN B 444 2.15 -1.33 -8.51
N TRP B 445 1.32 -0.90 -9.44
CA TRP B 445 0.01 -1.49 -9.58
C TRP B 445 0.17 -3.00 -9.88
N ARG B 446 1.03 -3.31 -10.84
CA ARG B 446 1.12 -4.65 -11.40
C ARG B 446 1.82 -5.58 -10.42
N TRP B 447 2.82 -5.07 -9.68
CA TRP B 447 3.44 -5.85 -8.63
C TRP B 447 2.41 -6.21 -7.56
N GLY B 448 1.48 -5.29 -7.27
CA GLY B 448 0.42 -5.61 -6.31
C GLY B 448 -0.58 -6.66 -6.85
N VAL B 449 -0.88 -6.60 -8.15
CA VAL B 449 -1.72 -7.64 -8.71
C VAL B 449 -0.99 -8.99 -8.65
N PHE B 450 0.29 -9.05 -9.06
CA PHE B 450 0.97 -10.34 -9.09
C PHE B 450 1.14 -10.89 -7.68
N SER B 451 1.32 -10.02 -6.68
CA SER B 451 1.55 -10.56 -5.35
C SER B 451 0.24 -10.97 -4.69
N GLY B 452 -0.91 -10.61 -5.27
CA GLY B 452 -2.12 -10.97 -4.55
C GLY B 452 -2.66 -9.82 -3.69
N ARG B 453 -1.87 -8.75 -3.52
CA ARG B 453 -2.30 -7.62 -2.68
C ARG B 453 -3.50 -6.94 -3.35
N THR B 454 -3.54 -6.96 -4.67
CA THR B 454 -4.60 -6.35 -5.43
C THR B 454 -5.35 -7.47 -6.17
N PRO B 455 -6.43 -8.01 -5.60
CA PRO B 455 -7.21 -9.05 -6.30
C PRO B 455 -8.05 -8.36 -7.36
N PRO B 456 -8.72 -9.12 -8.28
CA PRO B 456 -9.60 -8.51 -9.27
C PRO B 456 -10.64 -7.54 -8.73
N SER B 457 -11.14 -7.76 -7.50
CA SER B 457 -12.17 -6.91 -6.89
C SER B 457 -11.61 -5.56 -6.46
N ARG B 458 -10.29 -5.35 -6.64
CA ARG B 458 -9.71 -4.03 -6.35
C ARG B 458 -8.83 -3.57 -7.51
N TYR B 459 -8.93 -4.17 -8.71
CA TYR B 459 -8.04 -3.69 -9.80
C TYR B 459 -8.18 -2.18 -10.04
N ASN B 460 -9.43 -1.65 -10.09
CA ASN B 460 -9.64 -0.27 -10.50
C ASN B 460 -9.38 0.65 -9.30
N PHE B 461 -9.88 0.21 -8.14
CA PHE B 461 -9.68 0.89 -6.87
C PHE B 461 -8.17 1.17 -6.64
N ASP B 462 -7.32 0.16 -6.82
CA ASP B 462 -5.90 0.31 -6.53
C ASP B 462 -5.22 1.10 -7.64
N TRP B 463 -5.71 0.94 -8.87
CA TRP B 463 -5.23 1.73 -10.00
C TRP B 463 -5.45 3.24 -9.80
N TRP B 464 -6.70 3.62 -9.42
CA TRP B 464 -6.95 5.05 -9.24
C TRP B 464 -6.30 5.59 -7.96
N TYR B 465 -6.16 4.73 -6.92
CA TYR B 465 -5.44 5.11 -5.71
C TYR B 465 -4.04 5.57 -6.14
N LEU B 466 -3.39 4.78 -6.99
CA LEU B 466 -2.01 5.09 -7.38
C LEU B 466 -1.96 6.30 -8.35
N ARG B 467 -2.90 6.33 -9.30
CA ARG B 467 -2.97 7.47 -10.20
C ARG B 467 -3.09 8.78 -9.45
N THR B 468 -4.00 8.83 -8.48
CA THR B 468 -4.16 10.00 -7.65
C THR B 468 -2.93 10.19 -6.76
N LYS B 469 -2.41 9.14 -6.12
CA LYS B 469 -1.30 9.31 -5.19
C LYS B 469 -0.10 9.93 -5.93
N TYR B 470 0.19 9.44 -7.12
CA TYR B 470 1.43 9.80 -7.79
C TYR B 470 1.17 10.92 -8.79
N GLN B 471 0.21 10.76 -9.70
CA GLN B 471 0.09 11.78 -10.72
C GLN B 471 -0.83 12.93 -10.27
N GLY B 472 -1.62 12.75 -9.20
CA GLY B 472 -2.52 13.85 -8.85
C GLY B 472 -3.57 14.10 -9.94
N ILE B 473 -4.09 13.04 -10.55
CA ILE B 473 -5.22 13.17 -11.48
C ILE B 473 -6.40 12.37 -10.92
N CYS B 474 -7.57 12.60 -11.50
CA CYS B 474 -8.75 11.82 -11.12
C CYS B 474 -9.51 11.50 -12.41
N PRO B 475 -10.35 10.43 -12.37
CA PRO B 475 -11.12 10.04 -13.54
C PRO B 475 -12.21 11.08 -13.72
N PRO B 476 -12.44 11.53 -14.96
CA PRO B 476 -13.44 12.57 -15.17
C PRO B 476 -14.87 12.03 -15.27
N VAL B 477 -15.04 10.70 -15.21
CA VAL B 477 -16.36 10.13 -14.99
C VAL B 477 -16.22 9.11 -13.85
N THR B 478 -17.33 8.77 -13.19
CA THR B 478 -17.28 7.77 -12.15
C THR B 478 -16.73 6.47 -12.72
N ARG B 479 -15.87 5.78 -11.97
CA ARG B 479 -15.49 4.44 -12.38
C ARG B 479 -15.87 3.47 -11.26
N ASN B 480 -16.03 2.18 -11.58
CA ASN B 480 -16.27 1.13 -10.61
C ASN B 480 -15.47 -0.08 -11.03
N GLU B 481 -15.70 -1.23 -10.42
CA GLU B 481 -14.84 -2.36 -10.71
C GLU B 481 -15.29 -3.15 -11.94
N THR B 482 -16.40 -2.77 -12.59
CA THR B 482 -16.59 -3.25 -13.97
C THR B 482 -15.54 -2.66 -14.90
N HIS B 483 -15.17 -1.39 -14.69
CA HIS B 483 -14.06 -0.78 -15.43
C HIS B 483 -12.72 -1.44 -15.12
N PHE B 484 -11.84 -1.43 -16.11
CA PHE B 484 -10.51 -1.92 -15.89
C PHE B 484 -9.57 -0.94 -16.60
N ASP B 485 -9.33 0.18 -15.92
CA ASP B 485 -8.66 1.30 -16.56
C ASP B 485 -7.19 1.02 -16.80
N ALA B 486 -6.58 0.16 -15.97
CA ALA B 486 -5.20 -0.24 -16.25
C ALA B 486 -5.09 -0.95 -17.61
N GLY B 487 -6.13 -1.71 -17.96
CA GLY B 487 -6.07 -2.50 -19.20
C GLY B 487 -6.12 -1.65 -20.46
N ALA B 488 -6.52 -0.38 -20.33
CA ALA B 488 -6.57 0.56 -21.42
C ALA B 488 -5.19 1.18 -21.74
N LYS B 489 -4.14 0.69 -21.07
CA LYS B 489 -2.78 1.14 -21.38
C LYS B 489 -2.06 -0.03 -22.06
N PHE B 490 -1.47 0.19 -23.25
CA PHE B 490 -0.86 -0.86 -24.04
C PHE B 490 -0.10 -1.93 -23.26
N HIS B 491 0.79 -1.53 -22.33
CA HIS B 491 1.71 -2.50 -21.76
C HIS B 491 1.06 -3.52 -20.82
N VAL B 492 -0.13 -3.23 -20.32
CA VAL B 492 -0.82 -4.12 -19.41
C VAL B 492 -1.33 -5.35 -20.17
N PRO B 493 -2.24 -5.23 -21.15
CA PRO B 493 -2.64 -6.39 -21.95
C PRO B 493 -1.50 -7.03 -22.75
N ASN B 494 -0.51 -6.23 -23.15
CA ASN B 494 0.63 -6.75 -23.90
C ASN B 494 1.72 -7.25 -22.97
N VAL B 495 1.45 -7.29 -21.66
CA VAL B 495 2.35 -7.79 -20.65
C VAL B 495 3.80 -7.34 -20.90
N THR B 496 4.03 -6.02 -21.00
CA THR B 496 5.40 -5.53 -21.07
C THR B 496 5.63 -4.78 -19.77
N PRO B 497 6.71 -5.10 -19.01
CA PRO B 497 7.01 -4.39 -17.77
C PRO B 497 7.19 -2.90 -18.02
N TYR B 498 6.97 -2.10 -16.97
CA TYR B 498 6.98 -0.66 -17.18
C TYR B 498 8.07 0.05 -16.37
N ILE B 499 8.55 -0.55 -15.24
CA ILE B 499 9.48 0.14 -14.33
C ILE B 499 10.74 0.62 -15.10
N ARG B 500 11.09 -0.09 -16.17
CA ARG B 500 12.20 0.28 -17.07
C ARG B 500 12.07 1.73 -17.60
N TYR B 501 10.83 2.22 -17.80
CA TYR B 501 10.68 3.59 -18.29
C TYR B 501 10.97 4.61 -17.19
N PHE B 502 10.55 4.34 -15.97
CA PHE B 502 10.99 5.21 -14.88
C PHE B 502 12.52 5.22 -14.73
N VAL B 503 13.16 4.04 -14.77
CA VAL B 503 14.61 3.95 -14.67
C VAL B 503 15.25 4.70 -15.85
N SER B 504 14.70 4.49 -17.06
CA SER B 504 15.20 5.13 -18.26
C SER B 504 15.12 6.64 -18.14
N PHE B 505 14.01 7.15 -17.58
CA PHE B 505 13.75 8.58 -17.58
C PHE B 505 14.75 9.27 -16.65
N VAL B 506 15.30 8.55 -15.68
CA VAL B 506 16.34 9.09 -14.83
C VAL B 506 17.71 8.89 -15.48
N LEU B 507 17.90 7.69 -16.04
CA LEU B 507 19.18 7.27 -16.57
C LEU B 507 19.59 8.10 -17.80
N GLN B 508 18.61 8.50 -18.63
CA GLN B 508 18.92 9.28 -19.82
C GLN B 508 19.73 10.56 -19.49
N PHE B 509 19.44 11.16 -18.35
CA PHE B 509 20.05 12.43 -17.97
C PHE B 509 21.46 12.15 -17.49
N GLN B 510 21.62 10.96 -16.85
CA GLN B 510 22.92 10.52 -16.40
C GLN B 510 23.80 10.28 -17.62
N PHE B 511 23.23 9.63 -18.65
CA PHE B 511 23.98 9.39 -19.89
C PHE B 511 24.28 10.72 -20.56
N HIS B 512 23.25 11.55 -20.69
CA HIS B 512 23.37 12.81 -21.39
C HIS B 512 24.53 13.60 -20.80
N GLU B 513 24.55 13.62 -19.45
CA GLU B 513 25.57 14.39 -18.79
C GLU B 513 26.96 13.86 -19.14
N ALA B 514 27.16 12.53 -19.06
CA ALA B 514 28.39 11.86 -19.38
C ALA B 514 28.78 12.10 -20.83
N LEU B 515 27.80 12.11 -21.74
CA LEU B 515 28.11 12.17 -23.16
C LEU B 515 28.56 13.57 -23.56
N CYS B 516 27.87 14.56 -22.99
CA CYS B 516 28.16 15.97 -23.10
C CYS B 516 29.51 16.35 -22.50
N LYS B 517 29.87 15.77 -21.34
CA LYS B 517 31.22 15.94 -20.82
C LYS B 517 32.24 15.34 -21.80
N GLU B 518 31.92 14.18 -22.38
CA GLU B 518 32.87 13.50 -23.26
C GLU B 518 33.00 14.23 -24.60
N ALA B 519 31.94 14.94 -25.01
CA ALA B 519 31.93 15.75 -26.21
C ALA B 519 32.76 17.03 -26.04
N GLY B 520 33.18 17.34 -24.80
CA GLY B 520 33.93 18.55 -24.53
C GLY B 520 32.98 19.71 -24.32
N TYR B 521 31.65 19.45 -24.39
CA TYR B 521 30.66 20.52 -24.25
C TYR B 521 30.86 21.19 -22.89
N GLU B 522 30.70 22.52 -22.83
CA GLU B 522 31.01 23.25 -21.60
C GLU B 522 29.93 24.26 -21.26
N GLY B 523 28.81 24.24 -21.97
CA GLY B 523 27.72 25.14 -21.65
C GLY B 523 26.73 24.51 -20.68
N PRO B 524 25.55 25.12 -20.51
CA PRO B 524 24.50 24.52 -19.70
C PRO B 524 24.15 23.15 -20.26
N LEU B 525 23.94 22.19 -19.36
CA LEU B 525 23.68 20.81 -19.72
C LEU B 525 22.47 20.78 -20.67
N HIS B 526 21.48 21.63 -20.43
CA HIS B 526 20.25 21.52 -21.18
C HIS B 526 20.39 22.14 -22.58
N GLN B 527 21.56 22.70 -22.92
CA GLN B 527 21.71 23.26 -24.23
C GLN B 527 22.76 22.43 -24.98
N CYS B 528 23.23 21.35 -24.35
CA CYS B 528 24.17 20.46 -25.00
C CYS B 528 23.51 19.74 -26.20
N ASP B 529 24.28 19.65 -27.29
CA ASP B 529 23.97 18.79 -28.43
C ASP B 529 25.22 17.96 -28.75
N ILE B 530 25.10 16.63 -28.69
CA ILE B 530 26.22 15.73 -28.93
C ILE B 530 26.40 15.38 -30.41
N TYR B 531 25.54 15.93 -31.28
CA TYR B 531 25.58 15.62 -32.70
C TYR B 531 27.04 15.69 -33.17
N ARG B 532 27.46 14.76 -34.03
CA ARG B 532 28.78 14.76 -34.67
C ARG B 532 29.94 14.58 -33.69
N SER B 533 29.64 14.34 -32.41
CA SER B 533 30.71 14.01 -31.47
C SER B 533 31.07 12.52 -31.58
N THR B 534 32.19 12.23 -32.24
CA THR B 534 32.63 10.85 -32.38
C THR B 534 33.16 10.30 -31.05
N LYS B 535 33.65 11.19 -30.17
CA LYS B 535 34.06 10.77 -28.83
C LYS B 535 32.85 10.35 -27.99
N ALA B 536 31.76 11.11 -28.05
CA ALA B 536 30.56 10.69 -27.31
C ALA B 536 30.00 9.39 -27.89
N GLY B 537 30.08 9.24 -29.21
CA GLY B 537 29.66 8.02 -29.88
C GLY B 537 30.49 6.83 -29.43
N ALA B 538 31.80 7.01 -29.26
CA ALA B 538 32.66 5.91 -28.80
C ALA B 538 32.23 5.47 -27.39
N LYS B 539 32.00 6.42 -26.47
CA LYS B 539 31.58 6.06 -25.13
C LYS B 539 30.23 5.34 -25.17
N LEU B 540 29.27 5.84 -25.99
CA LEU B 540 27.97 5.19 -26.09
C LEU B 540 28.17 3.78 -26.64
N ARG B 541 29.06 3.63 -27.61
CA ARG B 541 29.18 2.38 -28.33
C ARG B 541 29.65 1.28 -27.37
N LYS B 542 30.53 1.63 -26.40
CA LYS B 542 31.04 0.65 -25.46
C LYS B 542 29.85 0.06 -24.69
N VAL B 543 28.91 0.92 -24.32
CA VAL B 543 27.73 0.47 -23.60
C VAL B 543 26.93 -0.51 -24.45
N LEU B 544 26.68 -0.19 -25.71
CA LEU B 544 25.75 -0.99 -26.50
C LEU B 544 26.38 -2.33 -26.88
N ARG B 545 27.69 -2.35 -27.16
CA ARG B 545 28.38 -3.58 -27.55
C ARG B 545 28.44 -4.60 -26.42
N ALA B 546 28.49 -4.11 -25.17
CA ALA B 546 28.51 -4.95 -23.98
C ALA B 546 27.26 -5.84 -23.86
N GLY B 547 26.12 -5.42 -24.42
CA GLY B 547 24.85 -6.07 -24.09
C GLY B 547 24.65 -6.29 -22.58
N SER B 548 24.25 -7.51 -22.19
CA SER B 548 24.11 -7.88 -20.77
C SER B 548 25.19 -8.89 -20.35
N SER B 549 26.43 -8.59 -20.70
CA SER B 549 27.51 -9.51 -20.39
C SER B 549 28.25 -9.01 -19.16
N ARG B 550 28.09 -7.72 -18.81
CA ARG B 550 28.57 -7.20 -17.55
C ARG B 550 27.39 -6.74 -16.69
N PRO B 551 27.51 -6.81 -15.34
CA PRO B 551 26.47 -6.24 -14.47
C PRO B 551 26.28 -4.76 -14.82
N TRP B 552 25.01 -4.29 -14.75
CA TRP B 552 24.69 -2.97 -15.27
C TRP B 552 25.36 -1.93 -14.37
N GLN B 553 25.54 -2.31 -13.11
CA GLN B 553 26.27 -1.53 -12.13
C GLN B 553 27.70 -1.22 -12.58
N GLU B 554 28.42 -2.18 -13.21
CA GLU B 554 29.77 -1.85 -13.66
C GLU B 554 29.77 -1.17 -15.02
N VAL B 555 28.84 -1.57 -15.90
CA VAL B 555 28.70 -0.89 -17.17
C VAL B 555 28.44 0.60 -16.90
N LEU B 556 27.56 0.92 -15.95
CA LEU B 556 27.18 2.29 -15.66
C LEU B 556 28.40 3.07 -15.21
N LYS B 557 29.16 2.54 -14.24
CA LYS B 557 30.31 3.24 -13.67
C LYS B 557 31.35 3.55 -14.74
N ASP B 558 31.60 2.59 -15.62
CA ASP B 558 32.51 2.78 -16.74
C ASP B 558 32.06 3.97 -17.60
N MET B 559 30.74 4.17 -17.72
CA MET B 559 30.23 5.22 -18.59
C MET B 559 30.10 6.55 -17.85
N VAL B 560 29.54 6.54 -16.62
CA VAL B 560 29.12 7.81 -16.02
C VAL B 560 29.99 8.21 -14.83
N GLY B 561 30.82 7.31 -14.30
CA GLY B 561 31.58 7.58 -13.09
C GLY B 561 30.93 7.01 -11.83
N LEU B 562 29.73 6.44 -11.97
CA LEU B 562 28.96 6.08 -10.79
C LEU B 562 28.24 4.77 -11.05
N ASP B 563 28.12 3.97 -10.00
CA ASP B 563 27.60 2.62 -10.14
C ASP B 563 26.15 2.58 -9.68
N ALA B 564 25.46 3.73 -9.64
CA ALA B 564 24.05 3.65 -9.29
C ALA B 564 23.25 4.71 -10.03
N LEU B 565 21.97 4.39 -10.29
CA LEU B 565 21.01 5.41 -10.68
C LEU B 565 21.07 6.61 -9.75
N ASP B 566 20.90 7.81 -10.32
CA ASP B 566 21.09 9.06 -9.61
C ASP B 566 20.23 10.14 -10.26
N ALA B 567 19.44 10.85 -9.44
CA ALA B 567 18.63 11.95 -9.96
C ALA B 567 19.40 13.26 -10.14
N GLN B 568 20.64 13.36 -9.68
CA GLN B 568 21.33 14.64 -9.74
C GLN B 568 21.37 15.17 -11.18
N PRO B 569 21.81 14.37 -12.19
CA PRO B 569 21.85 14.88 -13.57
C PRO B 569 20.51 15.45 -14.04
N LEU B 570 19.43 14.75 -13.72
CA LEU B 570 18.12 15.27 -14.09
C LEU B 570 17.85 16.61 -13.41
N LEU B 571 18.09 16.71 -12.11
CA LEU B 571 17.83 17.96 -11.37
C LEU B 571 18.66 19.13 -11.93
N LYS B 572 19.90 18.85 -12.32
CA LYS B 572 20.81 19.84 -12.89
C LYS B 572 20.29 20.32 -14.25
N TYR B 573 19.75 19.38 -15.04
CA TYR B 573 19.27 19.73 -16.36
C TYR B 573 18.15 20.75 -16.23
N PHE B 574 17.23 20.53 -15.28
CA PHE B 574 16.02 21.33 -15.19
C PHE B 574 16.08 22.52 -14.21
N GLN B 575 17.19 22.71 -13.47
CA GLN B 575 17.39 23.73 -12.42
C GLN B 575 16.61 25.04 -12.66
N LEU B 576 16.76 25.61 -13.84
CA LEU B 576 16.22 26.95 -14.03
C LEU B 576 14.71 26.91 -14.06
N VAL B 577 14.13 25.82 -14.61
CA VAL B 577 12.70 25.83 -14.75
C VAL B 577 12.14 25.40 -13.40
N THR B 578 12.93 24.62 -12.65
CA THR B 578 12.52 24.23 -11.30
C THR B 578 12.32 25.51 -10.50
N GLN B 579 13.29 26.42 -10.58
CA GLN B 579 13.22 27.66 -9.81
C GLN B 579 12.08 28.53 -10.32
N TRP B 580 12.01 28.71 -11.62
CA TRP B 580 10.99 29.59 -12.17
C TRP B 580 9.61 29.07 -11.78
N LEU B 581 9.43 27.73 -11.75
CA LEU B 581 8.12 27.19 -11.44
C LEU B 581 7.74 27.49 -9.98
N GLN B 582 8.65 27.23 -9.03
CA GLN B 582 8.41 27.55 -7.64
C GLN B 582 7.95 29.00 -7.52
N GLU B 583 8.74 29.90 -8.13
CA GLU B 583 8.43 31.32 -8.09
C GLU B 583 7.04 31.58 -8.66
N GLN B 584 6.72 31.08 -9.87
CA GLN B 584 5.38 31.28 -10.42
C GLN B 584 4.27 30.85 -9.43
N ASN B 585 4.43 29.66 -8.84
CA ASN B 585 3.39 29.09 -8.00
C ASN B 585 3.26 29.85 -6.68
N GLN B 586 4.37 30.20 -6.03
CA GLN B 586 4.32 31.18 -4.94
C GLN B 586 3.53 32.46 -5.29
N GLN B 587 3.89 33.13 -6.39
CA GLN B 587 3.25 34.37 -6.81
C GLN B 587 1.75 34.16 -7.05
N ASN B 588 1.35 32.98 -7.54
CA ASN B 588 -0.07 32.73 -7.72
C ASN B 588 -0.73 32.19 -6.45
N GLY B 589 0.05 31.95 -5.39
CA GLY B 589 -0.52 31.40 -4.17
C GLY B 589 -1.07 29.99 -4.41
N GLU B 590 -0.33 29.19 -5.18
CA GLU B 590 -0.69 27.81 -5.42
C GLU B 590 -0.56 26.99 -4.14
N VAL B 591 -1.48 26.02 -3.98
CA VAL B 591 -1.26 24.95 -3.03
C VAL B 591 -0.53 23.84 -3.78
N LEU B 592 0.64 23.40 -3.32
CA LEU B 592 1.28 22.29 -4.03
C LEU B 592 0.56 20.99 -3.65
N GLY B 593 0.26 20.14 -4.63
CA GLY B 593 -0.35 18.89 -4.28
C GLY B 593 -1.86 19.02 -4.44
N TRP B 594 -2.57 18.04 -3.89
CA TRP B 594 -3.99 17.98 -4.18
C TRP B 594 -4.71 17.51 -2.92
N PRO B 595 -4.72 18.34 -1.88
CA PRO B 595 -5.30 17.98 -0.59
C PRO B 595 -6.78 17.63 -0.68
N GLU B 596 -7.47 18.13 -1.72
CA GLU B 596 -8.86 17.71 -1.95
C GLU B 596 -8.90 16.41 -2.75
N TYR B 597 -8.44 15.31 -2.13
CA TYR B 597 -8.09 14.13 -2.88
C TYR B 597 -9.35 13.41 -3.37
N GLN B 598 -10.52 13.68 -2.77
CA GLN B 598 -11.75 13.02 -3.12
C GLN B 598 -12.44 13.71 -4.30
N TRP B 599 -11.98 14.88 -4.72
CA TRP B 599 -12.71 15.66 -5.70
C TRP B 599 -12.68 15.05 -7.12
N HIS B 600 -13.85 15.08 -7.77
CA HIS B 600 -13.94 14.71 -9.19
C HIS B 600 -14.78 15.79 -9.89
N PRO B 601 -14.57 16.03 -11.21
CA PRO B 601 -15.33 17.07 -11.93
C PRO B 601 -16.76 16.61 -12.19
N PRO B 602 -17.76 17.51 -12.34
CA PRO B 602 -19.12 17.08 -12.66
C PRO B 602 -19.06 16.75 -14.14
N LEU B 603 -20.08 16.03 -14.63
CA LEU B 603 -20.29 15.75 -16.04
C LEU B 603 -20.68 17.05 -16.76
N PRO B 604 -20.31 17.25 -18.05
CA PRO B 604 -20.82 18.40 -18.81
C PRO B 604 -22.31 18.22 -19.08
N ASP B 605 -22.97 19.32 -19.44
CA ASP B 605 -24.40 19.52 -19.29
C ASP B 605 -25.25 18.44 -19.96
N ASN B 606 -25.13 18.29 -21.28
CA ASN B 606 -25.87 17.16 -21.83
C ASN B 606 -24.87 16.21 -22.49
N TYR B 607 -24.48 15.19 -21.69
CA TYR B 607 -23.41 14.27 -22.04
C TYR B 607 -23.93 12.83 -22.13
N PRO B 608 -23.70 12.11 -23.25
CA PRO B 608 -23.09 12.70 -24.45
C PRO B 608 -23.91 13.26 -25.62
N GLU B 609 -25.07 13.89 -25.35
CA GLU B 609 -26.04 14.32 -26.34
C GLU B 609 -25.73 15.74 -26.87
#